data_6PC3
#
_entry.id   6PC3
#
_cell.length_a   114.312
_cell.length_b   90.856
_cell.length_c   105.238
_cell.angle_alpha   90.00
_cell.angle_beta   106.74
_cell.angle_gamma   90.00
#
_symmetry.space_group_name_H-M   'C 1 2 1'
#
loop_
_entity.id
_entity.type
_entity.pdbx_description
1 polymer 'Guanosine pentaphosphate phosphohydrolase'
2 non-polymer "5'-GUANOSINE-DIPHOSPHATE-MONOTHIOPHOSPHATE"
3 non-polymer 'PHOSPHATE ION'
4 non-polymer 'MAGNESIUM ION'
5 non-polymer 'POTASSIUM ION'
6 non-polymer 'CHLORIDE ION'
7 non-polymer 1,2-ETHANEDIOL
8 non-polymer Monothiophosphate
9 water water
#
_entity_poly.entity_id   1
_entity_poly.type   'polypeptide(L)'
_entity_poly.pdbx_seq_one_letter_code
;MRGSHHHHHHGSAKITTVIDIGSNSVRLAVFKKTSQFGFYLLFETKSKVRISEGCYAFNGILQEIPMQRAVKALSEFKEI
ALKYKSKKILCVATSAVRDAPNRLEFVARVKKACGLQIKIIDGQKEALYGGIACANLLHKNSGITIDIGGGSTECALIEK
GKIKDLISLDVGTIRIKEMFLDKDLDVKLAKAFIQKEVSKLPFKHKNAFGVGGTIRALSKVLMKRFDYPIDSLHGYEIDA
HKNLAFIEKIVMLKEDQLRLLGVNEERLDSIRSGALILSVVLEHLKTSLMITSGVGVREGVFLSDLLRNHYHKFPPNINP
SLISLKDRFLPHEKHSQKVKKECVKLFEALSPLHKIDEKYLFHLKIAGELASMGKILSVYLAHKHSAYFILNALSYGFSH
QDRAIICLLAQFSHKKIPKDNAIAHMSAMMPSLLTLQWLSFILSLAENLCLTDSHHLKYTLEKNKLVIHSNDALYLAKEM
LPKLVKPIPLTIEFA
;
_entity_poly.pdbx_strand_id   A,B
#
# COMPACT_ATOMS: atom_id res chain seq x y z
N ALA A 13 23.75 7.14 13.30
CA ALA A 13 24.04 6.25 12.17
C ALA A 13 22.84 6.10 11.21
N LYS A 14 23.02 5.34 10.13
CA LYS A 14 21.93 5.03 9.20
C LYS A 14 20.90 4.11 9.87
N ILE A 15 21.35 2.95 10.35
CA ILE A 15 20.50 1.94 10.94
C ILE A 15 20.92 1.77 12.39
N THR A 16 19.95 1.84 13.31
CA THR A 16 20.16 1.85 14.75
C THR A 16 19.16 0.88 15.37
N THR A 17 19.66 -0.09 16.13
CA THR A 17 18.81 -0.95 16.94
C THR A 17 18.75 -0.46 18.38
N VAL A 18 17.56 -0.50 18.97
CA VAL A 18 17.37 -0.20 20.39
C VAL A 18 16.76 -1.44 21.02
N ILE A 19 17.27 -1.81 22.19
CA ILE A 19 16.74 -2.93 22.95
C ILE A 19 16.38 -2.40 24.33
N ASP A 20 15.16 -2.70 24.77
CA ASP A 20 14.56 -2.19 26.01
C ASP A 20 14.23 -3.42 26.85
N ILE A 21 15.11 -3.71 27.82
CA ILE A 21 14.94 -4.86 28.71
C ILE A 21 14.00 -4.46 29.84
N GLY A 22 12.69 -4.65 29.63
CA GLY A 22 11.72 -4.42 30.68
C GLY A 22 11.70 -5.56 31.68
N SER A 23 10.89 -5.39 32.71
CA SER A 23 10.70 -6.40 33.73
C SER A 23 9.78 -7.56 33.27
N ASN A 24 8.91 -7.31 32.29
CA ASN A 24 8.09 -8.35 31.64
C ASN A 24 8.55 -8.52 30.19
N SER A 25 8.11 -7.63 29.29
CA SER A 25 8.56 -7.68 27.89
C SER A 25 10.00 -7.22 27.74
N VAL A 26 10.73 -7.85 26.82
CA VAL A 26 11.97 -7.30 26.29
C VAL A 26 11.69 -6.93 24.83
N ARG A 27 11.88 -5.66 24.47
CA ARG A 27 11.50 -5.15 23.17
C ARG A 27 12.69 -4.81 22.32
N LEU A 28 12.51 -4.93 21.00
CA LEU A 28 13.54 -4.62 20.03
C LEU A 28 12.91 -3.77 18.93
N ALA A 29 13.64 -2.73 18.51
CA ALA A 29 13.24 -1.97 17.33
C ALA A 29 14.49 -1.60 16.54
N VAL A 30 14.40 -1.72 15.22
CA VAL A 30 15.46 -1.35 14.29
C VAL A 30 14.97 -0.13 13.52
N PHE A 31 15.69 0.99 13.65
CA PHE A 31 15.27 2.22 13.00
C PHE A 31 16.13 2.49 11.79
N LYS A 32 15.53 3.02 10.72
CA LYS A 32 16.27 3.48 9.55
C LYS A 32 16.07 4.97 9.35
N LYS A 33 17.16 5.72 9.41
CA LYS A 33 17.16 7.15 9.15
C LYS A 33 17.19 7.35 7.64
N THR A 34 16.20 8.07 7.11
CA THR A 34 16.09 8.32 5.67
C THR A 34 16.47 9.74 5.29
N SER A 35 16.61 10.64 6.25
CA SER A 35 16.93 12.03 6.00
C SER A 35 17.27 12.63 7.36
N GLN A 36 17.58 13.92 7.39
CA GLN A 36 18.01 14.49 8.66
C GLN A 36 16.99 14.22 9.76
N PHE A 37 15.70 14.36 9.45
CA PHE A 37 14.67 14.12 10.44
C PHE A 37 13.74 12.96 10.10
N GLY A 38 13.80 12.42 8.88
CA GLY A 38 12.93 11.29 8.54
C GLY A 38 13.49 9.97 9.03
N PHE A 39 12.59 9.11 9.51
CA PHE A 39 12.97 7.76 9.90
C PHE A 39 11.73 6.88 9.91
N TYR A 40 11.95 5.56 9.85
CA TYR A 40 10.88 4.59 10.03
C TYR A 40 11.44 3.33 10.66
N LEU A 41 10.52 2.50 11.17
CA LEU A 41 10.85 1.21 11.77
CA LEU A 41 10.88 1.22 11.76
C LEU A 41 11.11 0.18 10.68
N LEU A 42 12.31 -0.41 10.67
CA LEU A 42 12.63 -1.52 9.78
C LEU A 42 12.08 -2.84 10.32
N PHE A 43 12.04 -2.99 11.63
CA PHE A 43 11.67 -4.26 12.26
C PHE A 43 11.36 -3.99 13.71
N GLU A 44 10.44 -4.76 14.28
CA GLU A 44 10.21 -4.65 15.71
C GLU A 44 9.63 -5.94 16.22
N THR A 45 9.87 -6.21 17.50
CA THR A 45 9.25 -7.35 18.15
C THR A 45 9.49 -7.25 19.65
N LYS A 46 8.81 -8.12 20.39
CA LYS A 46 9.00 -8.22 21.83
C LYS A 46 8.90 -9.68 22.20
N SER A 47 9.56 -10.01 23.30
CA SER A 47 9.58 -11.38 23.78
C SER A 47 9.20 -11.37 25.25
N LYS A 48 8.35 -12.32 25.64
CA LYS A 48 7.85 -12.34 27.01
C LYS A 48 8.91 -13.00 27.90
N VAL A 49 10.01 -12.27 28.09
CA VAL A 49 11.13 -12.85 28.84
C VAL A 49 10.83 -12.87 30.34
N ARG A 50 10.14 -11.85 30.85
CA ARG A 50 9.79 -11.72 32.26
C ARG A 50 10.97 -12.03 33.18
N ILE A 51 12.04 -11.25 32.99
CA ILE A 51 13.24 -11.43 33.78
C ILE A 51 12.98 -11.24 35.27
N SER A 52 11.87 -10.59 35.64
CA SER A 52 11.52 -10.35 37.04
C SER A 52 10.80 -11.53 37.69
N GLU A 53 10.54 -12.60 36.94
CA GLU A 53 9.68 -13.67 37.46
C GLU A 53 10.24 -14.23 38.75
N GLY A 54 9.45 -14.18 39.82
CA GLY A 54 9.89 -14.68 41.10
C GLY A 54 10.93 -13.84 41.82
N CYS A 55 11.33 -12.69 41.29
CA CYS A 55 12.34 -11.91 42.00
C CYS A 55 11.75 -11.17 43.20
N TYR A 56 10.44 -10.88 43.20
CA TYR A 56 9.91 -9.93 44.18
C TYR A 56 9.92 -10.50 45.59
N ALA A 57 9.86 -11.83 45.73
CA ALA A 57 9.88 -12.49 47.04
C ALA A 57 11.30 -12.71 47.58
N PHE A 58 12.33 -12.38 46.80
CA PHE A 58 13.72 -12.54 47.21
C PHE A 58 14.47 -11.23 47.09
N ASN A 59 13.83 -10.15 47.51
N ASN A 59 13.88 -10.16 47.60
CA ASN A 59 14.41 -8.80 47.56
CA ASN A 59 14.44 -8.81 47.55
C ASN A 59 14.89 -8.30 46.18
C ASN A 59 15.01 -8.46 46.17
N GLY A 60 14.27 -8.79 45.11
CA GLY A 60 14.62 -8.34 43.79
C GLY A 60 15.75 -9.09 43.12
N ILE A 61 16.31 -10.10 43.79
CA ILE A 61 17.34 -10.93 43.18
C ILE A 61 16.78 -11.62 41.95
N LEU A 62 17.39 -11.35 40.79
CA LEU A 62 16.98 -11.99 39.55
C LEU A 62 17.24 -13.49 39.62
N GLN A 63 16.23 -14.27 39.24
CA GLN A 63 16.26 -15.72 39.35
C GLN A 63 16.86 -16.35 38.12
N GLU A 64 17.31 -17.58 38.30
CA GLU A 64 18.22 -18.20 37.34
C GLU A 64 17.52 -18.48 36.01
N ILE A 65 16.38 -19.16 36.04
CA ILE A 65 15.69 -19.44 34.77
C ILE A 65 15.29 -18.17 34.07
N PRO A 66 14.74 -17.14 34.71
CA PRO A 66 14.50 -15.87 34.01
C PRO A 66 15.75 -15.26 33.38
N MET A 67 16.89 -15.28 34.08
CA MET A 67 18.11 -14.71 33.49
C MET A 67 18.54 -15.50 32.25
N GLN A 68 18.42 -16.83 32.28
CA GLN A 68 18.75 -17.64 31.11
C GLN A 68 17.88 -17.28 29.92
N ARG A 69 16.56 -17.15 30.14
CA ARG A 69 15.69 -16.69 29.07
C ARG A 69 16.18 -15.38 28.48
N ALA A 70 16.47 -14.40 29.35
CA ALA A 70 16.95 -13.09 28.90
C ALA A 70 18.19 -13.22 28.04
N VAL A 71 19.17 -14.00 28.51
CA VAL A 71 20.39 -14.19 27.72
C VAL A 71 20.06 -14.81 26.37
N LYS A 72 19.17 -15.79 26.33
CA LYS A 72 18.86 -16.41 25.04
C LYS A 72 18.09 -15.45 24.12
N ALA A 73 17.16 -14.68 24.68
CA ALA A 73 16.43 -13.71 23.86
C ALA A 73 17.35 -12.61 23.37
N LEU A 74 18.23 -12.11 24.25
CA LEU A 74 19.09 -11.00 23.89
C LEU A 74 20.14 -11.41 22.86
N SER A 75 20.69 -12.62 22.97
CA SER A 75 21.62 -13.06 21.92
C SER A 75 20.95 -13.05 20.55
N GLU A 76 19.69 -13.50 20.47
CA GLU A 76 19.04 -13.48 19.17
C GLU A 76 18.63 -12.07 18.76
N PHE A 77 18.25 -11.21 19.71
CA PHE A 77 18.02 -9.81 19.38
C PHE A 77 19.26 -9.20 18.72
N LYS A 78 20.44 -9.48 19.27
CA LYS A 78 21.69 -9.01 18.66
C LYS A 78 21.83 -9.51 17.22
N GLU A 79 21.58 -10.81 17.02
CA GLU A 79 21.60 -11.37 15.67
C GLU A 79 20.69 -10.62 14.72
N ILE A 80 19.48 -10.29 15.17
CA ILE A 80 18.56 -9.52 14.33
C ILE A 80 19.15 -8.15 14.01
N ALA A 81 19.70 -7.47 15.02
CA ALA A 81 20.34 -6.18 14.78
C ALA A 81 21.39 -6.29 13.69
N LEU A 82 22.21 -7.34 13.74
CA LEU A 82 23.27 -7.50 12.74
C LEU A 82 22.69 -7.92 11.39
N LYS A 83 21.64 -8.74 11.40
CA LYS A 83 20.98 -9.09 10.15
C LYS A 83 20.54 -7.85 9.39
N TYR A 84 20.13 -6.80 10.10
CA TYR A 84 19.68 -5.56 9.48
C TYR A 84 20.79 -4.53 9.35
N LYS A 85 22.04 -4.92 9.65
CA LYS A 85 23.19 -4.07 9.35
C LYS A 85 23.22 -2.84 10.27
N SER A 86 22.85 -3.02 11.53
CA SER A 86 22.84 -1.89 12.45
C SER A 86 24.25 -1.36 12.62
N LYS A 87 24.40 -0.04 12.52
CA LYS A 87 25.68 0.60 12.80
C LYS A 87 25.84 0.89 14.28
N LYS A 88 24.74 0.93 15.03
CA LYS A 88 24.71 1.27 16.45
C LYS A 88 23.66 0.39 17.11
N ILE A 89 23.94 -0.07 18.33
CA ILE A 89 23.01 -0.85 19.14
C ILE A 89 22.95 -0.25 20.54
N LEU A 90 21.80 0.32 20.91
CA LEU A 90 21.58 0.95 22.20
C LEU A 90 20.67 0.07 23.05
N CYS A 91 21.17 -0.35 24.21
CA CYS A 91 20.44 -1.30 25.04
C CYS A 91 20.33 -0.74 26.45
N VAL A 92 19.10 -0.65 26.96
CA VAL A 92 18.83 -0.12 28.29
C VAL A 92 18.02 -1.17 29.05
N ALA A 93 18.10 -1.12 30.38
CA ALA A 93 17.37 -2.07 31.23
C ALA A 93 16.71 -1.31 32.38
N THR A 94 15.48 -1.70 32.72
CA THR A 94 14.67 -0.89 33.63
C THR A 94 14.42 -1.64 34.94
N SER A 95 13.21 -1.50 35.49
CA SER A 95 12.97 -1.72 36.92
C SER A 95 13.60 -2.98 37.53
N ALA A 96 13.26 -4.15 37.01
CA ALA A 96 13.72 -5.41 37.62
C ALA A 96 15.23 -5.49 37.64
N VAL A 97 15.89 -5.04 36.58
CA VAL A 97 17.34 -5.10 36.51
C VAL A 97 17.96 -4.04 37.40
N ARG A 98 17.42 -2.82 37.39
CA ARG A 98 18.01 -1.76 38.21
C ARG A 98 17.82 -2.03 39.69
N ASP A 99 16.75 -2.73 40.08
CA ASP A 99 16.45 -3.05 41.48
C ASP A 99 17.25 -4.24 42.03
N ALA A 100 17.88 -5.03 41.17
CA ALA A 100 18.33 -6.36 41.54
C ALA A 100 19.72 -6.33 42.18
N PRO A 101 19.88 -6.89 43.40
CA PRO A 101 21.24 -7.03 43.97
C PRO A 101 22.24 -7.69 43.03
N ASN A 102 21.83 -8.66 42.21
CA ASN A 102 22.73 -9.30 41.26
C ASN A 102 22.75 -8.63 39.87
N ARG A 103 22.38 -7.36 39.77
CA ARG A 103 22.27 -6.77 38.45
C ARG A 103 23.60 -6.81 37.71
N LEU A 104 24.72 -6.58 38.42
CA LEU A 104 26.01 -6.49 37.72
C LEU A 104 26.48 -7.85 37.19
N GLU A 105 26.07 -8.96 37.80
CA GLU A 105 26.42 -10.26 37.23
C GLU A 105 25.54 -10.62 36.03
N PHE A 106 24.28 -10.18 36.06
CA PHE A 106 23.47 -10.42 34.87
C PHE A 106 24.02 -9.63 33.69
N VAL A 107 24.32 -8.35 33.92
CA VAL A 107 24.90 -7.54 32.86
C VAL A 107 26.14 -8.19 32.27
N ALA A 108 27.01 -8.74 33.13
CA ALA A 108 28.25 -9.32 32.62
C ALA A 108 28.04 -10.67 31.94
N ARG A 109 27.11 -11.46 32.45
CA ARG A 109 26.69 -12.68 31.75
C ARG A 109 26.22 -12.36 30.34
N VAL A 110 25.34 -11.37 30.19
CA VAL A 110 24.89 -10.99 28.85
C VAL A 110 26.07 -10.53 28.00
N LYS A 111 26.96 -9.71 28.56
CA LYS A 111 28.09 -9.24 27.77
C LYS A 111 28.92 -10.43 27.27
N LYS A 112 29.19 -11.39 28.16
CA LYS A 112 30.01 -12.53 27.76
C LYS A 112 29.27 -13.40 26.74
N ALA A 113 27.94 -13.52 26.85
CA ALA A 113 27.19 -14.39 25.96
C ALA A 113 27.05 -13.79 24.56
N CYS A 114 26.89 -12.49 24.43
CA CYS A 114 26.71 -11.96 23.08
C CYS A 114 27.31 -10.58 22.85
N GLY A 115 28.11 -10.05 23.78
CA GLY A 115 28.76 -8.77 23.55
C GLY A 115 27.85 -7.57 23.58
N LEU A 116 26.62 -7.73 24.05
CA LEU A 116 25.71 -6.62 24.24
C LEU A 116 26.08 -5.89 25.54
N GLN A 117 26.23 -4.57 25.46
CA GLN A 117 26.47 -3.74 26.64
C GLN A 117 25.13 -3.21 27.15
N ILE A 118 24.64 -3.76 28.25
CA ILE A 118 23.42 -3.26 28.88
C ILE A 118 23.76 -2.01 29.66
N LYS A 119 22.97 -0.95 29.45
CA LYS A 119 23.08 0.27 30.24
C LYS A 119 21.85 0.30 31.17
N ILE A 120 22.10 0.08 32.47
CA ILE A 120 21.03 0.19 33.46
C ILE A 120 20.68 1.66 33.66
N ILE A 121 19.38 2.00 33.57
CA ILE A 121 18.92 3.37 33.71
C ILE A 121 18.01 3.47 34.92
N ASP A 122 18.07 4.61 35.61
CA ASP A 122 17.20 4.81 36.76
C ASP A 122 15.79 5.20 36.30
N GLY A 123 14.88 5.28 37.27
CA GLY A 123 13.48 5.54 36.95
C GLY A 123 13.25 6.86 36.24
N GLN A 124 14.00 7.92 36.64
CA GLN A 124 13.84 9.23 36.01
C GLN A 124 14.28 9.21 34.56
N LYS A 125 15.41 8.55 34.27
CA LYS A 125 15.83 8.43 32.89
C LYS A 125 14.81 7.62 32.10
N GLU A 126 14.23 6.60 32.74
CA GLU A 126 13.19 5.82 32.06
C GLU A 126 11.99 6.69 31.72
N ALA A 127 11.50 7.44 32.71
CA ALA A 127 10.45 8.44 32.47
C ALA A 127 10.86 9.43 31.39
N LEU A 128 12.12 9.88 31.39
CA LEU A 128 12.54 10.84 30.36
C LEU A 128 12.39 10.26 28.96
N TYR A 129 12.84 9.01 28.76
CA TYR A 129 12.79 8.41 27.43
C TYR A 129 11.36 8.28 26.92
N GLY A 130 10.45 7.81 27.76
CA GLY A 130 9.05 7.79 27.38
C GLY A 130 8.52 9.17 27.09
N GLY A 131 8.95 10.16 27.90
CA GLY A 131 8.53 11.54 27.66
C GLY A 131 8.96 12.06 26.30
N ILE A 132 10.23 11.81 25.94
CA ILE A 132 10.73 12.27 24.66
C ILE A 132 9.93 11.67 23.51
N ALA A 133 9.69 10.35 23.56
CA ALA A 133 8.88 9.70 22.53
C ALA A 133 7.51 10.36 22.43
N CYS A 134 6.84 10.56 23.56
CA CYS A 134 5.46 11.06 23.50
C CYS A 134 5.40 12.54 23.12
N ALA A 135 6.36 13.33 23.61
CA ALA A 135 6.38 14.74 23.29
C ALA A 135 6.59 14.96 21.80
N ASN A 136 7.21 14.00 21.12
CA ASN A 136 7.59 14.16 19.73
C ASN A 136 6.69 13.43 18.76
N LEU A 137 6.12 12.30 19.15
CA LEU A 137 5.48 11.42 18.18
C LEU A 137 3.96 11.37 18.37
N LEU A 138 3.42 12.04 19.39
CA LEU A 138 1.97 12.12 19.56
C LEU A 138 1.47 13.46 19.03
N HIS A 139 0.15 13.65 19.04
CA HIS A 139 -0.46 14.83 18.45
C HIS A 139 -0.93 15.86 19.47
N LYS A 140 -0.69 15.66 20.75
CA LYS A 140 -1.05 16.66 21.76
C LYS A 140 0.23 17.30 22.31
N ASN A 141 0.15 18.61 22.59
CA ASN A 141 1.30 19.34 23.09
C ASN A 141 1.53 19.07 24.57
N SER A 142 0.47 18.84 25.33
CA SER A 142 0.56 18.81 26.78
C SER A 142 -0.22 17.63 27.35
N GLY A 143 0.29 17.09 28.44
CA GLY A 143 -0.27 15.90 29.04
C GLY A 143 0.79 15.23 29.89
N ILE A 144 0.39 14.10 30.45
CA ILE A 144 1.23 13.30 31.34
C ILE A 144 1.32 11.88 30.80
N THR A 145 2.54 11.38 30.59
CA THR A 145 2.69 10.00 30.17
C THR A 145 2.32 9.05 31.32
N ILE A 146 1.80 7.89 30.97
CA ILE A 146 1.57 6.80 31.92
C ILE A 146 2.22 5.57 31.30
N ASP A 147 3.42 5.21 31.77
CA ASP A 147 4.16 4.05 31.25
C ASP A 147 4.19 2.98 32.33
N ILE A 148 3.19 2.10 32.28
CA ILE A 148 3.10 0.96 33.19
C ILE A 148 3.86 -0.22 32.58
N GLY A 149 4.89 -0.70 33.27
CA GLY A 149 5.64 -1.88 32.87
C GLY A 149 5.52 -2.99 33.91
N GLY A 150 6.31 -4.05 33.80
CA GLY A 150 6.21 -5.14 34.76
C GLY A 150 6.71 -4.76 36.15
N GLY A 151 7.60 -3.78 36.24
CA GLY A 151 8.18 -3.44 37.53
C GLY A 151 7.83 -2.06 38.05
N SER A 152 7.69 -1.07 37.16
CA SER A 152 7.50 0.31 37.58
C SER A 152 6.54 1.04 36.66
N THR A 153 6.10 2.21 37.12
CA THR A 153 5.23 3.09 36.34
C THR A 153 5.85 4.47 36.32
N GLU A 154 6.06 5.00 35.13
CA GLU A 154 6.63 6.32 34.92
C GLU A 154 5.59 7.31 34.42
N CYS A 155 5.70 8.54 34.90
CA CYS A 155 4.92 9.66 34.40
C CYS A 155 5.85 10.83 34.13
N ALA A 156 5.74 11.43 32.95
CA ALA A 156 6.45 12.64 32.59
C ALA A 156 5.41 13.71 32.25
N LEU A 157 5.48 14.83 32.97
CA LEU A 157 4.61 15.95 32.69
C LEU A 157 5.19 16.72 31.51
N ILE A 158 4.37 16.87 30.47
CA ILE A 158 4.77 17.52 29.23
C ILE A 158 3.86 18.72 29.07
N GLU A 159 4.45 19.89 28.81
CA GLU A 159 3.67 21.10 28.61
C GLU A 159 4.20 21.80 27.38
N LYS A 160 3.32 22.00 26.41
CA LYS A 160 3.71 22.70 25.21
C LYS A 160 4.89 22.03 24.55
N GLY A 161 4.82 20.72 24.54
CA GLY A 161 5.85 20.00 23.90
C GLY A 161 7.09 19.84 24.75
N LYS A 162 7.10 20.30 26.00
CA LYS A 162 8.38 20.19 26.76
C LYS A 162 8.22 19.48 28.11
N ILE A 163 9.19 18.63 28.45
CA ILE A 163 9.20 17.89 29.69
C ILE A 163 9.44 18.84 30.86
N LYS A 164 8.54 18.79 31.83
CA LYS A 164 8.60 19.66 32.99
C LYS A 164 8.74 18.90 34.31
N ASP A 165 8.57 17.59 34.31
CA ASP A 165 8.69 16.86 35.56
C ASP A 165 8.62 15.36 35.27
N LEU A 166 9.39 14.59 36.05
CA LEU A 166 9.55 13.16 35.87
C LEU A 166 9.37 12.46 37.21
N ILE A 167 8.59 11.40 37.24
CA ILE A 167 8.49 10.57 38.44
C ILE A 167 8.38 9.10 38.04
N SER A 168 8.98 8.24 38.86
CA SER A 168 8.96 6.80 38.67
C SER A 168 8.42 6.19 39.95
N LEU A 169 7.41 5.34 39.83
CA LEU A 169 6.79 4.69 40.97
C LEU A 169 7.10 3.20 40.91
N ASP A 170 7.35 2.59 42.06
CA ASP A 170 7.66 1.16 42.09
C ASP A 170 6.37 0.34 42.17
N VAL A 171 5.53 0.51 41.14
CA VAL A 171 4.36 -0.34 40.93
C VAL A 171 4.37 -0.80 39.48
N GLY A 172 4.15 -2.10 39.28
CA GLY A 172 4.18 -2.69 37.95
C GLY A 172 3.33 -3.95 37.97
N THR A 173 3.10 -4.51 36.79
CA THR A 173 2.15 -5.62 36.67
C THR A 173 2.68 -6.87 37.37
N ILE A 174 3.95 -7.20 37.19
CA ILE A 174 4.46 -8.44 37.78
C ILE A 174 4.72 -8.27 39.27
N ARG A 175 5.23 -7.10 39.68
CA ARG A 175 5.34 -6.78 41.11
C ARG A 175 4.01 -6.93 41.84
N ILE A 176 2.94 -6.31 41.34
CA ILE A 176 1.67 -6.42 42.04
C ILE A 176 1.17 -7.85 41.98
N LYS A 177 1.34 -8.51 40.85
CA LYS A 177 0.84 -9.86 40.69
C LYS A 177 1.52 -10.78 41.70
N GLU A 178 2.84 -10.67 41.84
CA GLU A 178 3.54 -11.58 42.74
C GLU A 178 3.38 -11.21 44.21
N MET A 179 3.19 -9.92 44.52
CA MET A 179 3.03 -9.50 45.91
C MET A 179 1.61 -9.71 46.43
N PHE A 180 0.59 -9.57 45.57
CA PHE A 180 -0.79 -9.61 46.07
C PHE A 180 -1.64 -10.65 45.36
N LEU A 181 -1.78 -10.52 44.04
CA LEU A 181 -2.81 -11.26 43.33
C LEU A 181 -2.51 -12.76 43.27
N ASP A 182 -1.23 -13.11 43.17
CA ASP A 182 -0.89 -14.53 43.13
C ASP A 182 -1.21 -15.21 44.45
N LYS A 183 -1.17 -14.45 45.54
CA LYS A 183 -1.43 -14.97 46.89
C LYS A 183 -2.90 -14.85 47.29
N ASP A 184 -3.80 -14.68 46.34
CA ASP A 184 -5.22 -14.55 46.67
C ASP A 184 -5.41 -13.54 47.80
N LEU A 185 -4.56 -12.51 47.85
CA LEU A 185 -4.80 -11.41 48.76
C LEU A 185 -5.92 -10.55 48.19
N ASP A 186 -6.81 -10.09 49.06
CA ASP A 186 -7.91 -9.25 48.60
C ASP A 186 -7.38 -8.14 47.71
N VAL A 187 -8.04 -7.93 46.57
CA VAL A 187 -7.64 -6.89 45.65
C VAL A 187 -7.61 -5.54 46.36
N LYS A 188 -8.36 -5.41 47.45
CA LYS A 188 -8.39 -4.17 48.23
C LYS A 188 -7.02 -3.81 48.78
N LEU A 189 -6.27 -4.79 49.26
CA LEU A 189 -4.93 -4.53 49.78
C LEU A 189 -3.97 -4.11 48.67
N ALA A 190 -4.14 -4.68 47.48
CA ALA A 190 -3.28 -4.31 46.36
C ALA A 190 -3.54 -2.88 45.92
N LYS A 191 -4.82 -2.49 45.85
CA LYS A 191 -5.20 -1.12 45.51
C LYS A 191 -4.65 -0.15 46.53
N ALA A 192 -4.78 -0.48 47.81
CA ALA A 192 -4.26 0.39 48.87
C ALA A 192 -2.75 0.58 48.70
N PHE A 193 -2.03 -0.52 48.48
CA PHE A 193 -0.60 -0.46 48.22
C PHE A 193 -0.27 0.46 47.03
N ILE A 194 -1.04 0.32 45.95
CA ILE A 194 -0.78 1.15 44.78
C ILE A 194 -1.12 2.60 45.08
N GLN A 195 -2.23 2.84 45.79
CA GLN A 195 -2.62 4.22 46.09
C GLN A 195 -1.52 4.93 46.87
N LYS A 196 -0.86 4.23 47.79
CA LYS A 196 0.21 4.85 48.58
C LYS A 196 1.33 5.37 47.67
N GLU A 197 1.65 4.64 46.60
CA GLU A 197 2.69 5.07 45.68
C GLU A 197 2.18 6.13 44.71
N VAL A 198 0.96 5.98 44.20
CA VAL A 198 0.41 6.95 43.26
C VAL A 198 0.30 8.32 43.92
N SER A 199 0.10 8.35 45.24
CA SER A 199 0.01 9.57 46.04
C SER A 199 1.16 10.51 45.78
N LYS A 200 2.28 9.96 45.36
CA LYS A 200 3.51 10.72 45.16
C LYS A 200 3.54 11.44 43.82
N LEU A 201 2.48 11.30 43.01
CA LEU A 201 2.43 12.00 41.74
C LEU A 201 2.03 13.45 42.03
N PRO A 202 2.90 14.42 41.78
CA PRO A 202 2.61 15.79 42.22
C PRO A 202 2.01 16.67 41.14
N PHE A 203 1.25 16.09 40.20
CA PHE A 203 0.69 16.90 39.13
C PHE A 203 -0.61 16.29 38.64
N LYS A 204 -1.38 17.07 37.89
CA LYS A 204 -2.69 16.70 37.39
C LYS A 204 -2.80 17.18 35.96
N HIS A 205 -3.67 16.53 35.17
CA HIS A 205 -3.80 17.04 33.81
C HIS A 205 -4.95 16.35 33.12
N LYS A 206 -5.64 17.10 32.26
CA LYS A 206 -6.74 16.53 31.51
C LYS A 206 -6.26 15.47 30.51
N ASN A 207 -5.03 15.57 30.00
CA ASN A 207 -4.52 14.65 29.00
C ASN A 207 -3.54 13.63 29.60
N ALA A 208 -3.68 12.37 29.20
CA ALA A 208 -2.69 11.34 29.52
C ALA A 208 -2.21 10.67 28.25
N PHE A 209 -0.94 10.27 28.24
CA PHE A 209 -0.34 9.56 27.11
C PHE A 209 -0.01 8.14 27.58
N GLY A 210 -0.79 7.16 27.10
CA GLY A 210 -0.66 5.78 27.52
C GLY A 210 0.45 5.01 26.85
N VAL A 211 1.40 4.51 27.63
CA VAL A 211 2.57 3.82 27.13
C VAL A 211 2.64 2.42 27.76
N GLY A 212 3.07 1.44 26.97
CA GLY A 212 3.35 0.11 27.46
C GLY A 212 2.28 -0.91 27.06
N GLY A 213 2.57 -2.15 27.42
CA GLY A 213 1.76 -3.26 26.93
C GLY A 213 0.39 -3.34 27.59
N THR A 214 0.31 -3.02 28.88
CA THR A 214 -0.98 -2.98 29.55
C THR A 214 -1.95 -2.05 28.83
N ILE A 215 -1.52 -0.81 28.57
CA ILE A 215 -2.43 0.21 28.04
C ILE A 215 -2.77 -0.06 26.56
N ARG A 216 -1.77 -0.44 25.75
CA ARG A 216 -2.06 -0.90 24.39
C ARG A 216 -3.03 -2.08 24.39
N ALA A 217 -2.84 -3.03 25.31
CA ALA A 217 -3.78 -4.14 25.40
C ALA A 217 -5.19 -3.65 25.72
N LEU A 218 -5.32 -2.74 26.69
CA LEU A 218 -6.64 -2.19 27.01
C LEU A 218 -7.22 -1.42 25.83
N SER A 219 -6.36 -0.73 25.07
CA SER A 219 -6.86 0.02 23.92
C SER A 219 -7.41 -0.93 22.87
N LYS A 220 -6.76 -2.09 22.71
CA LYS A 220 -7.26 -3.07 21.75
C LYS A 220 -8.61 -3.63 22.19
N VAL A 221 -8.78 -3.86 23.50
CA VAL A 221 -10.08 -4.32 23.99
C VAL A 221 -11.16 -3.30 23.64
N LEU A 222 -10.87 -2.02 23.90
CA LEU A 222 -11.84 -0.95 23.66
C LEU A 222 -12.14 -0.78 22.18
N MET A 223 -11.12 -0.94 21.33
CA MET A 223 -11.33 -0.78 19.89
C MET A 223 -12.25 -1.86 19.36
N LYS A 224 -12.07 -3.10 19.84
CA LYS A 224 -12.96 -4.19 19.47
C LYS A 224 -14.35 -3.99 20.06
N ARG A 225 -14.43 -3.57 21.33
CA ARG A 225 -15.73 -3.39 21.99
CA ARG A 225 -15.73 -3.40 21.97
C ARG A 225 -16.61 -2.40 21.23
N PHE A 226 -16.02 -1.32 20.72
CA PHE A 226 -16.76 -0.24 20.08
C PHE A 226 -16.76 -0.31 18.55
N ASP A 227 -16.37 -1.44 17.94
CA ASP A 227 -16.36 -1.60 16.48
C ASP A 227 -15.63 -0.44 15.81
N TYR A 228 -14.47 -0.09 16.35
CA TYR A 228 -13.73 1.07 15.87
C TYR A 228 -13.18 0.79 14.47
N PRO A 229 -13.33 1.71 13.52
CA PRO A 229 -12.99 1.39 12.11
C PRO A 229 -11.53 1.57 11.70
N ILE A 230 -10.66 2.15 12.53
CA ILE A 230 -9.24 2.32 12.17
C ILE A 230 -8.44 1.35 13.03
N ASP A 231 -7.84 0.34 12.41
CA ASP A 231 -7.11 -0.67 13.21
C ASP A 231 -5.72 -0.12 13.54
N SER A 232 -5.63 0.93 14.35
CA SER A 232 -4.27 1.44 14.58
C SER A 232 -4.16 1.93 16.00
N LEU A 233 -3.26 1.29 16.77
CA LEU A 233 -3.15 1.63 18.19
C LEU A 233 -2.69 3.07 18.39
N HIS A 234 -1.73 3.52 17.58
CA HIS A 234 -1.06 4.78 17.87
C HIS A 234 -2.02 5.95 17.70
N GLY A 235 -2.26 6.69 18.77
CA GLY A 235 -3.11 7.87 18.71
C GLY A 235 -4.55 7.66 19.12
N TYR A 236 -4.96 6.42 19.34
CA TYR A 236 -6.33 6.12 19.72
C TYR A 236 -6.74 6.90 20.96
N GLU A 237 -7.91 7.52 20.92
CA GLU A 237 -8.35 8.38 22.02
C GLU A 237 -9.40 7.69 22.89
N ILE A 238 -9.21 7.78 24.21
CA ILE A 238 -10.05 7.08 25.17
C ILE A 238 -10.61 8.12 26.14
N ASP A 239 -11.95 8.17 26.25
CA ASP A 239 -12.62 8.99 27.25
C ASP A 239 -12.42 8.36 28.62
N ALA A 240 -11.56 8.96 29.45
CA ALA A 240 -11.17 8.27 30.68
C ALA A 240 -12.30 8.26 31.69
N HIS A 241 -13.12 9.31 31.74
CA HIS A 241 -14.23 9.31 32.68
C HIS A 241 -15.25 8.23 32.31
N LYS A 242 -15.61 8.12 31.04
CA LYS A 242 -16.64 7.17 30.66
C LYS A 242 -16.16 5.73 30.78
N ASN A 243 -14.86 5.48 30.63
CA ASN A 243 -14.34 4.12 30.57
C ASN A 243 -13.65 3.67 31.85
N LEU A 244 -13.55 4.54 32.85
CA LEU A 244 -12.83 4.15 34.06
C LEU A 244 -13.50 2.97 34.74
N ALA A 245 -14.83 2.93 34.74
CA ALA A 245 -15.52 1.82 35.38
C ALA A 245 -15.17 0.50 34.71
N PHE A 246 -15.13 0.51 33.38
CA PHE A 246 -14.78 -0.70 32.64
C PHE A 246 -13.34 -1.11 32.91
N ILE A 247 -12.44 -0.15 32.95
CA ILE A 247 -11.05 -0.45 33.29
C ILE A 247 -10.98 -1.13 34.65
N GLU A 248 -11.72 -0.60 35.63
CA GLU A 248 -11.72 -1.19 36.97
C GLU A 248 -12.37 -2.57 36.98
N LYS A 249 -13.38 -2.78 36.13
CA LYS A 249 -13.97 -4.12 36.03
C LYS A 249 -12.94 -5.14 35.54
N ILE A 250 -12.07 -4.73 34.60
CA ILE A 250 -11.09 -5.66 34.02
C ILE A 250 -10.35 -6.38 35.13
N VAL A 251 -10.05 -5.66 36.22
CA VAL A 251 -9.30 -6.22 37.34
C VAL A 251 -9.98 -7.46 37.92
N MET A 252 -11.31 -7.57 37.80
CA MET A 252 -12.07 -8.61 38.46
C MET A 252 -12.53 -9.70 37.49
N LEU A 253 -12.06 -9.67 36.26
CA LEU A 253 -12.46 -10.66 35.28
C LEU A 253 -11.57 -11.89 35.31
N LYS A 254 -12.13 -13.01 34.84
CA LYS A 254 -11.50 -14.31 34.72
C LYS A 254 -10.74 -14.40 33.40
N GLU A 255 -9.80 -15.36 33.33
CA GLU A 255 -9.01 -15.55 32.12
C GLU A 255 -9.88 -15.62 30.89
N ASP A 256 -10.96 -16.41 30.97
CA ASP A 256 -11.78 -16.65 29.78
C ASP A 256 -12.60 -15.43 29.39
N GLN A 257 -12.98 -14.60 30.36
CA GLN A 257 -13.64 -13.36 29.99
C GLN A 257 -12.65 -12.42 29.31
N LEU A 258 -11.40 -12.42 29.75
CA LEU A 258 -10.39 -11.63 29.04
C LEU A 258 -10.18 -12.16 27.63
N ARG A 259 -10.20 -13.49 27.44
CA ARG A 259 -10.11 -14.04 26.09
C ARG A 259 -11.26 -13.55 25.23
N LEU A 260 -12.48 -13.58 25.75
CA LEU A 260 -13.63 -13.12 24.97
C LEU A 260 -13.47 -11.67 24.56
N LEU A 261 -12.82 -10.86 25.40
CA LEU A 261 -12.56 -9.46 25.09
C LEU A 261 -11.45 -9.28 24.06
N GLY A 262 -10.77 -10.36 23.65
CA GLY A 262 -9.75 -10.30 22.62
C GLY A 262 -8.32 -10.28 23.10
N VAL A 263 -8.06 -10.37 24.41
CA VAL A 263 -6.70 -10.23 24.91
C VAL A 263 -5.86 -11.40 24.42
N ASN A 264 -4.66 -11.09 23.93
CA ASN A 264 -3.71 -12.11 23.41
C ASN A 264 -3.34 -13.09 24.53
N GLU A 265 -3.11 -14.35 24.17
CA GLU A 265 -2.81 -15.39 25.15
CA GLU A 265 -2.83 -15.37 25.17
C GLU A 265 -1.67 -14.97 26.07
N GLU A 266 -0.63 -14.35 25.50
CA GLU A 266 0.55 -13.99 26.28
CA GLU A 266 0.57 -13.95 26.24
C GLU A 266 0.29 -12.86 27.28
N ARG A 267 -0.78 -12.10 27.10
CA ARG A 267 -1.07 -10.92 27.91
C ARG A 267 -2.03 -11.22 29.06
N LEU A 268 -2.65 -12.40 29.05
CA LEU A 268 -3.73 -12.68 30.01
C LEU A 268 -3.26 -12.55 31.45
N ASP A 269 -2.07 -13.06 31.77
CA ASP A 269 -1.68 -13.20 33.16
C ASP A 269 -1.11 -11.92 33.77
N SER A 270 -1.01 -10.81 33.01
CA SER A 270 -0.53 -9.56 33.58
C SER A 270 -1.51 -8.41 33.43
N ILE A 271 -2.56 -8.54 32.61
CA ILE A 271 -3.37 -7.38 32.28
C ILE A 271 -4.22 -6.92 33.47
N ARG A 272 -4.58 -7.82 34.38
CA ARG A 272 -5.45 -7.40 35.48
C ARG A 272 -4.70 -6.49 36.47
N SER A 273 -3.47 -6.88 36.82
CA SER A 273 -2.58 -6.01 37.58
C SER A 273 -2.42 -4.66 36.89
N GLY A 274 -2.11 -4.67 35.59
CA GLY A 274 -1.94 -3.42 34.85
C GLY A 274 -3.18 -2.54 34.87
N ALA A 275 -4.36 -3.15 34.71
CA ALA A 275 -5.60 -2.38 34.79
C ALA A 275 -5.83 -1.80 36.17
N LEU A 276 -5.44 -2.52 37.22
CA LEU A 276 -5.59 -1.97 38.57
C LEU A 276 -4.73 -0.73 38.73
N ILE A 277 -3.46 -0.83 38.34
CA ILE A 277 -2.56 0.31 38.44
C ILE A 277 -3.07 1.47 37.60
N LEU A 278 -3.54 1.19 36.37
CA LEU A 278 -3.98 2.29 35.51
C LEU A 278 -5.18 3.02 36.10
N SER A 279 -6.16 2.26 36.62
CA SER A 279 -7.35 2.91 37.16
C SER A 279 -6.99 3.82 38.32
N VAL A 280 -6.05 3.40 39.16
CA VAL A 280 -5.64 4.24 40.28
C VAL A 280 -4.96 5.50 39.76
N VAL A 281 -4.08 5.36 38.76
CA VAL A 281 -3.36 6.52 38.23
C VAL A 281 -4.33 7.51 37.59
N LEU A 282 -5.24 7.02 36.74
CA LEU A 282 -6.16 7.91 36.04
C LEU A 282 -7.00 8.70 37.04
N GLU A 283 -7.48 8.04 38.09
CA GLU A 283 -8.25 8.74 39.12
C GLU A 283 -7.42 9.86 39.73
N HIS A 284 -6.18 9.56 40.16
CA HIS A 284 -5.36 10.56 40.84
C HIS A 284 -5.02 11.72 39.92
N LEU A 285 -4.71 11.45 38.66
CA LEU A 285 -4.29 12.50 37.74
C LEU A 285 -5.46 13.32 37.22
N LYS A 286 -6.71 12.92 37.47
CA LYS A 286 -7.88 13.62 36.98
C LYS A 286 -7.97 13.59 35.46
N THR A 287 -7.37 12.57 34.84
CA THR A 287 -7.42 12.42 33.40
C THR A 287 -8.85 12.37 32.90
N SER A 288 -9.15 13.16 31.87
CA SER A 288 -10.38 12.96 31.13
C SER A 288 -10.15 12.38 29.74
N LEU A 289 -8.99 12.61 29.12
CA LEU A 289 -8.67 12.05 27.81
C LEU A 289 -7.33 11.32 27.87
N MET A 290 -7.34 10.04 27.50
CA MET A 290 -6.10 9.28 27.34
C MET A 290 -5.86 8.95 25.88
N ILE A 291 -4.68 9.28 25.40
CA ILE A 291 -4.25 8.93 24.05
C ILE A 291 -3.31 7.74 24.13
N THR A 292 -3.65 6.67 23.41
CA THR A 292 -2.79 5.50 23.35
C THR A 292 -1.56 5.80 22.51
N SER A 293 -0.39 5.57 23.09
CA SER A 293 0.85 5.79 22.37
C SER A 293 1.38 4.46 21.82
N GLY A 294 1.67 4.43 20.52
CA GLY A 294 2.34 3.30 19.93
C GLY A 294 3.84 3.30 20.15
N VAL A 295 4.37 4.32 20.84
CA VAL A 295 5.79 4.45 21.07
C VAL A 295 6.05 4.55 22.57
N GLY A 296 7.30 4.32 22.95
CA GLY A 296 7.73 4.43 24.32
C GLY A 296 9.22 4.47 24.50
N VAL A 297 9.73 3.70 25.46
CA VAL A 297 11.13 3.87 25.85
C VAL A 297 12.06 3.62 24.66
N ARG A 298 11.81 2.56 23.89
CA ARG A 298 12.73 2.23 22.82
C ARG A 298 12.78 3.34 21.77
N GLU A 299 11.63 3.95 21.46
CA GLU A 299 11.65 5.08 20.53
C GLU A 299 12.29 6.31 21.16
N GLY A 300 12.02 6.56 22.44
CA GLY A 300 12.66 7.67 23.11
C GLY A 300 14.18 7.57 23.08
N VAL A 301 14.72 6.36 23.28
CA VAL A 301 16.17 6.22 23.20
C VAL A 301 16.67 6.58 21.80
N PHE A 302 16.01 6.05 20.76
CA PHE A 302 16.44 6.38 19.40
C PHE A 302 16.35 7.89 19.15
N LEU A 303 15.29 8.52 19.61
CA LEU A 303 15.13 9.94 19.31
C LEU A 303 16.15 10.79 20.07
N SER A 304 16.46 10.44 21.31
CA SER A 304 17.47 11.17 22.06
C SER A 304 18.80 11.20 21.33
N ASP A 305 19.08 10.18 20.51
CA ASP A 305 20.26 10.20 19.64
C ASP A 305 20.00 11.02 18.38
N LEU A 306 18.95 10.65 17.64
CA LEU A 306 18.59 11.39 16.43
C LEU A 306 18.57 12.89 16.65
N LEU A 307 18.01 13.32 17.78
CA LEU A 307 17.79 14.72 18.10
C LEU A 307 18.77 15.22 19.14
N ARG A 308 19.95 14.58 19.25
CA ARG A 308 20.87 14.92 20.33
C ARG A 308 21.30 16.38 20.27
N ASN A 309 21.35 16.94 19.07
CA ASN A 309 21.75 18.32 18.85
C ASN A 309 20.57 19.26 18.68
N HIS A 310 19.35 18.79 18.92
CA HIS A 310 18.16 19.63 18.76
C HIS A 310 17.35 19.64 20.03
N TYR A 311 18.03 19.42 21.17
CA TYR A 311 17.38 19.46 22.48
C TYR A 311 16.23 18.45 22.53
N HIS A 312 16.42 17.32 21.85
CA HIS A 312 15.50 16.20 21.94
C HIS A 312 14.12 16.55 21.41
N LYS A 313 14.06 17.45 20.44
CA LYS A 313 12.76 17.92 19.95
C LYS A 313 12.89 18.28 18.47
N PHE A 314 11.94 17.82 17.66
CA PHE A 314 11.90 18.15 16.24
C PHE A 314 11.65 19.65 16.06
N PRO A 315 12.27 20.28 15.07
CA PRO A 315 12.03 21.69 14.84
C PRO A 315 10.57 21.94 14.51
N PRO A 316 10.09 23.17 14.68
CA PRO A 316 8.69 23.46 14.36
C PRO A 316 8.37 23.10 12.92
N ASN A 317 7.20 22.48 12.72
CA ASN A 317 6.75 22.05 11.40
C ASN A 317 7.59 20.94 10.77
N ILE A 318 8.35 20.20 11.58
CA ILE A 318 9.07 19.02 11.10
C ILE A 318 8.31 17.82 11.65
N ASN A 319 7.74 17.02 10.74
CA ASN A 319 6.97 15.85 11.13
C ASN A 319 7.63 14.60 10.57
N PRO A 320 8.13 13.68 11.41
CA PRO A 320 8.96 12.60 10.88
C PRO A 320 8.17 11.59 10.06
N SER A 321 6.88 11.38 10.33
CA SER A 321 6.08 10.49 9.50
C SER A 321 5.85 11.08 8.11
N LEU A 322 5.47 12.35 8.06
CA LEU A 322 5.33 13.00 6.76
C LEU A 322 6.63 12.92 5.98
N ILE A 323 7.73 13.33 6.62
CA ILE A 323 9.01 13.39 5.93
C ILE A 323 9.45 12.00 5.50
N SER A 324 9.40 11.04 6.42
CA SER A 324 9.87 9.70 6.08
C SER A 324 8.98 9.07 5.01
N LEU A 325 7.68 9.34 5.03
CA LEU A 325 6.83 8.83 3.95
C LEU A 325 7.27 9.40 2.61
N LYS A 326 7.66 10.68 2.59
CA LYS A 326 8.12 11.29 1.35
C LYS A 326 9.47 10.73 0.96
N ASP A 327 10.36 10.53 1.93
CA ASP A 327 11.66 9.92 1.64
C ASP A 327 11.49 8.54 1.00
N ARG A 328 10.61 7.71 1.57
CA ARG A 328 10.46 6.34 1.08
C ARG A 328 9.79 6.30 -0.29
N PHE A 329 8.75 7.11 -0.50
CA PHE A 329 7.86 6.93 -1.64
C PHE A 329 7.78 8.13 -2.58
N LEU A 330 8.43 9.26 -2.28
CA LEU A 330 8.34 10.49 -3.07
C LEU A 330 9.67 11.22 -3.03
N PRO A 331 10.76 10.63 -3.55
CA PRO A 331 12.05 11.33 -3.51
C PRO A 331 12.14 12.53 -4.45
N HIS A 332 11.01 12.89 -5.08
CA HIS A 332 10.90 14.03 -5.99
C HIS A 332 9.82 15.00 -5.51
N GLU A 333 10.22 16.06 -4.81
CA GLU A 333 9.24 16.79 -4.03
C GLU A 333 8.60 17.97 -4.76
N LYS A 334 9.13 18.42 -5.89
CA LYS A 334 8.61 19.68 -6.42
C LYS A 334 7.21 19.54 -7.01
N HIS A 335 6.88 18.38 -7.62
CA HIS A 335 5.50 18.22 -8.10
C HIS A 335 4.51 18.41 -6.97
N SER A 336 4.65 17.62 -5.90
CA SER A 336 3.64 17.62 -4.84
C SER A 336 3.61 18.96 -4.10
N GLN A 337 4.70 19.71 -4.14
CA GLN A 337 4.70 21.04 -3.48
C GLN A 337 3.86 22.02 -4.30
N LYS A 338 3.85 21.87 -5.62
CA LYS A 338 2.99 22.72 -6.44
C LYS A 338 1.51 22.47 -6.17
N VAL A 339 1.12 21.20 -6.05
CA VAL A 339 -0.28 20.86 -5.78
C VAL A 339 -0.74 21.48 -4.46
N LYS A 340 0.09 21.36 -3.42
CA LYS A 340 -0.22 21.98 -2.14
C LYS A 340 -0.42 23.48 -2.30
N LYS A 341 0.50 24.16 -2.99
CA LYS A 341 0.36 25.61 -3.18
C LYS A 341 -0.98 25.95 -3.82
N GLU A 342 -1.35 25.27 -4.89
CA GLU A 342 -2.62 25.58 -5.54
C GLU A 342 -3.79 25.26 -4.62
N CYS A 343 -3.65 24.26 -3.75
CA CYS A 343 -4.74 23.92 -2.84
C CYS A 343 -4.98 25.05 -1.86
N VAL A 344 -3.91 25.69 -1.38
CA VAL A 344 -4.07 26.82 -0.48
C VAL A 344 -4.78 27.97 -1.20
N LYS A 345 -4.25 28.37 -2.36
CA LYS A 345 -4.86 29.46 -3.11
C LYS A 345 -6.33 29.16 -3.43
N LEU A 346 -6.61 27.98 -3.98
CA LEU A 346 -7.99 27.62 -4.25
C LEU A 346 -8.84 27.70 -2.98
N PHE A 347 -8.30 27.23 -1.85
CA PHE A 347 -9.04 27.31 -0.58
C PHE A 347 -9.42 28.73 -0.24
N GLU A 348 -8.43 29.65 -0.28
CA GLU A 348 -8.70 31.02 0.08
CA GLU A 348 -8.70 31.02 0.08
C GLU A 348 -9.67 31.67 -0.91
N ALA A 349 -9.45 31.46 -2.20
CA ALA A 349 -10.35 32.07 -3.18
C ALA A 349 -11.78 31.57 -3.07
N LEU A 350 -11.99 30.33 -2.63
CA LEU A 350 -13.35 29.78 -2.57
C LEU A 350 -14.03 29.98 -1.22
N SER A 351 -13.34 30.53 -0.21
CA SER A 351 -13.90 30.56 1.13
C SER A 351 -15.21 31.33 1.24
N PRO A 352 -15.46 32.44 0.51
CA PRO A 352 -16.82 33.03 0.56
C PRO A 352 -17.91 32.00 0.33
N LEU A 353 -17.64 30.99 -0.50
CA LEU A 353 -18.60 29.95 -0.82
C LEU A 353 -18.61 28.82 0.22
N HIS A 354 -17.44 28.29 0.60
CA HIS A 354 -17.45 27.10 1.46
C HIS A 354 -17.49 27.45 2.94
N LYS A 355 -16.87 28.55 3.34
CA LYS A 355 -16.89 29.03 4.73
C LYS A 355 -16.39 27.97 5.73
N ILE A 356 -15.38 27.21 5.32
CA ILE A 356 -14.85 26.12 6.14
C ILE A 356 -13.81 26.63 7.12
N ASP A 357 -13.83 26.09 8.34
CA ASP A 357 -12.84 26.45 9.34
C ASP A 357 -11.43 26.32 8.76
N GLU A 358 -10.61 27.36 8.93
CA GLU A 358 -9.29 27.27 8.33
C GLU A 358 -8.42 26.21 8.98
N LYS A 359 -8.84 25.63 10.11
CA LYS A 359 -8.06 24.55 10.70
C LYS A 359 -7.88 23.38 9.73
N TYR A 360 -8.79 23.24 8.76
CA TYR A 360 -8.75 22.14 7.79
C TYR A 360 -7.80 22.37 6.62
N LEU A 361 -7.25 23.57 6.50
CA LEU A 361 -6.15 23.79 5.56
C LEU A 361 -4.97 22.88 5.86
N PHE A 362 -4.73 22.61 7.15
CA PHE A 362 -3.72 21.64 7.56
C PHE A 362 -3.86 20.32 6.81
N HIS A 363 -5.07 19.74 6.83
CA HIS A 363 -5.27 18.45 6.17
C HIS A 363 -5.24 18.59 4.66
N LEU A 364 -5.84 19.65 4.12
CA LEU A 364 -5.82 19.85 2.68
C LEU A 364 -4.39 19.94 2.15
N LYS A 365 -3.54 20.74 2.82
CA LYS A 365 -2.15 20.86 2.40
C LYS A 365 -1.45 19.50 2.40
N ILE A 366 -1.64 18.70 3.44
CA ILE A 366 -0.93 17.42 3.48
C ILE A 366 -1.48 16.48 2.43
N ALA A 367 -2.81 16.46 2.26
CA ALA A 367 -3.35 15.69 1.14
C ALA A 367 -2.81 16.18 -0.19
N GLY A 368 -2.64 17.51 -0.33
CA GLY A 368 -1.98 18.02 -1.53
C GLY A 368 -0.61 17.41 -1.75
N GLU A 369 0.17 17.24 -0.68
CA GLU A 369 1.52 16.67 -0.84
C GLU A 369 1.49 15.18 -1.16
N LEU A 370 0.55 14.44 -0.58
CA LEU A 370 0.61 12.97 -0.59
C LEU A 370 -0.37 12.33 -1.55
N ALA A 371 -1.21 13.10 -2.26
CA ALA A 371 -2.33 12.49 -2.98
C ALA A 371 -1.88 11.52 -4.08
N SER A 372 -0.67 11.68 -4.63
CA SER A 372 -0.21 10.74 -5.65
C SER A 372 0.96 9.88 -5.17
N MET A 373 1.17 9.81 -3.86
CA MET A 373 2.15 8.89 -3.31
C MET A 373 1.95 7.47 -3.82
N GLY A 374 0.71 7.02 -3.94
CA GLY A 374 0.45 5.64 -4.30
C GLY A 374 0.89 5.26 -5.70
N LYS A 375 1.32 6.21 -6.53
CA LYS A 375 1.71 5.84 -7.88
C LYS A 375 2.98 5.01 -7.88
N ILE A 376 3.77 5.06 -6.80
CA ILE A 376 4.92 4.19 -6.70
C ILE A 376 4.49 2.72 -6.70
N LEU A 377 3.25 2.43 -6.25
CA LEU A 377 2.74 1.06 -6.32
C LEU A 377 2.13 0.77 -7.69
N SER A 378 1.16 1.59 -8.11
CA SER A 378 0.57 1.45 -9.43
C SER A 378 -0.02 2.79 -9.84
N VAL A 379 0.10 3.10 -11.13
CA VAL A 379 -0.53 4.32 -11.65
C VAL A 379 -2.02 4.12 -11.84
N TYR A 380 -2.51 2.89 -11.81
CA TYR A 380 -3.93 2.61 -11.91
C TYR A 380 -4.53 2.51 -10.50
N LEU A 381 -5.61 3.25 -10.25
CA LEU A 381 -6.18 3.39 -8.90
C LEU A 381 -5.17 4.02 -7.94
N ALA A 382 -4.35 4.95 -8.46
CA ALA A 382 -3.26 5.49 -7.66
C ALA A 382 -3.77 6.19 -6.41
N HIS A 383 -4.86 6.96 -6.54
CA HIS A 383 -5.42 7.64 -5.37
C HIS A 383 -5.90 6.64 -4.32
N LYS A 384 -6.38 5.48 -4.76
CA LYS A 384 -6.75 4.45 -3.79
C LYS A 384 -5.52 3.94 -3.03
N HIS A 385 -4.40 3.74 -3.74
CA HIS A 385 -3.18 3.33 -3.07
C HIS A 385 -2.67 4.40 -2.10
N SER A 386 -2.73 5.69 -2.51
CA SER A 386 -2.31 6.78 -1.64
C SER A 386 -3.08 6.78 -0.33
N ALA A 387 -4.42 6.67 -0.41
CA ALA A 387 -5.25 6.59 0.79
C ALA A 387 -4.82 5.45 1.68
N TYR A 388 -4.59 4.27 1.10
CA TYR A 388 -4.10 3.13 1.87
C TYR A 388 -2.80 3.47 2.60
N PHE A 389 -1.82 4.05 1.89
CA PHE A 389 -0.58 4.45 2.54
C PHE A 389 -0.86 5.41 3.71
N ILE A 390 -1.71 6.42 3.47
CA ILE A 390 -1.93 7.46 4.49
C ILE A 390 -2.58 6.86 5.72
N LEU A 391 -3.66 6.10 5.53
CA LEU A 391 -4.41 5.60 6.67
C LEU A 391 -3.56 4.65 7.51
N ASN A 392 -2.64 3.92 6.87
CA ASN A 392 -1.86 2.90 7.56
C ASN A 392 -0.47 3.35 8.00
N ALA A 393 0.05 4.48 7.49
CA ALA A 393 1.42 4.87 7.81
C ALA A 393 1.60 6.33 8.21
N LEU A 394 0.58 7.19 8.10
CA LEU A 394 0.70 8.59 8.52
C LEU A 394 0.33 8.70 9.99
N SER A 395 1.28 8.35 10.87
CA SER A 395 0.91 8.11 12.25
C SER A 395 1.49 9.10 13.25
N TYR A 396 2.81 9.33 13.25
CA TYR A 396 3.42 10.19 14.26
C TYR A 396 2.98 11.63 14.06
N GLY A 397 2.44 12.24 15.12
CA GLY A 397 1.99 13.63 15.09
C GLY A 397 0.59 13.82 14.58
N PHE A 398 -0.14 12.75 14.28
CA PHE A 398 -1.49 12.82 13.72
C PHE A 398 -2.50 12.10 14.63
N SER A 399 -3.64 12.75 14.87
CA SER A 399 -4.79 12.05 15.45
C SER A 399 -5.40 11.11 14.42
N HIS A 400 -6.23 10.17 14.89
CA HIS A 400 -6.94 9.32 13.94
C HIS A 400 -7.85 10.16 13.05
N GLN A 401 -8.43 11.23 13.62
CA GLN A 401 -9.22 12.16 12.80
C GLN A 401 -8.37 12.81 11.71
N ASP A 402 -7.20 13.35 12.06
CA ASP A 402 -6.32 13.94 11.04
C ASP A 402 -6.03 12.93 9.93
N ARG A 403 -5.67 11.71 10.33
CA ARG A 403 -5.34 10.66 9.37
C ARG A 403 -6.55 10.31 8.50
N ALA A 404 -7.73 10.22 9.12
CA ALA A 404 -8.93 9.88 8.37
C ALA A 404 -9.27 10.95 7.34
N ILE A 405 -9.20 12.23 7.74
CA ILE A 405 -9.52 13.31 6.82
C ILE A 405 -8.57 13.29 5.62
N ILE A 406 -7.27 13.27 5.89
CA ILE A 406 -6.28 13.27 4.81
C ILE A 406 -6.49 12.06 3.91
N CYS A 407 -6.68 10.88 4.53
CA CYS A 407 -6.99 9.67 3.78
C CYS A 407 -8.19 9.87 2.84
N LEU A 408 -9.29 10.42 3.35
CA LEU A 408 -10.48 10.55 2.54
C LEU A 408 -10.27 11.53 1.38
N LEU A 409 -9.52 12.61 1.63
CA LEU A 409 -9.30 13.61 0.59
C LEU A 409 -8.70 12.98 -0.66
N ALA A 410 -7.59 12.24 -0.48
CA ALA A 410 -6.95 11.54 -1.60
C ALA A 410 -7.83 10.44 -2.16
N GLN A 411 -8.47 9.65 -1.29
CA GLN A 411 -9.22 8.48 -1.75
C GLN A 411 -10.31 8.87 -2.76
N PHE A 412 -11.00 9.96 -2.50
CA PHE A 412 -12.18 10.35 -3.27
C PHE A 412 -11.91 11.56 -4.15
N SER A 413 -10.65 11.78 -4.49
CA SER A 413 -10.33 12.79 -5.47
C SER A 413 -11.04 12.44 -6.79
N HIS A 414 -11.72 13.43 -7.36
CA HIS A 414 -12.52 13.20 -8.56
C HIS A 414 -13.68 12.22 -8.33
N LYS A 415 -14.17 12.10 -7.11
CA LYS A 415 -15.29 11.19 -6.85
C LYS A 415 -16.21 11.82 -5.81
N LYS A 416 -17.38 11.21 -5.67
CA LYS A 416 -18.31 11.59 -4.62
C LYS A 416 -18.07 10.72 -3.38
N ILE A 417 -17.97 11.36 -2.23
CA ILE A 417 -17.79 10.58 -0.99
C ILE A 417 -19.14 9.96 -0.63
N PRO A 418 -19.23 8.63 -0.50
CA PRO A 418 -20.52 8.02 -0.16
C PRO A 418 -20.99 8.51 1.20
N LYS A 419 -22.31 8.53 1.37
CA LYS A 419 -22.94 8.96 2.61
C LYS A 419 -22.63 8.04 3.79
N ASP A 420 -22.37 6.75 3.54
CA ASP A 420 -22.23 5.75 4.59
C ASP A 420 -20.77 5.33 4.81
N ASN A 421 -19.81 6.21 4.53
CA ASN A 421 -18.42 5.80 4.61
C ASN A 421 -18.01 5.63 6.08
N ALA A 422 -17.39 4.48 6.39
CA ALA A 422 -17.05 4.17 7.79
C ALA A 422 -16.06 5.17 8.39
N ILE A 423 -14.97 5.47 7.68
CA ILE A 423 -13.98 6.42 8.19
C ILE A 423 -14.62 7.80 8.40
N ALA A 424 -15.47 8.22 7.46
CA ALA A 424 -16.05 9.56 7.56
C ALA A 424 -16.86 9.76 8.85
N HIS A 425 -17.44 8.68 9.39
CA HIS A 425 -18.25 8.67 10.60
C HIS A 425 -17.51 8.13 11.82
N MET A 426 -16.21 7.93 11.69
CA MET A 426 -15.31 7.50 12.75
C MET A 426 -15.58 8.19 14.08
N SER A 427 -16.03 9.45 14.07
CA SER A 427 -16.30 10.17 15.30
C SER A 427 -17.22 11.34 14.98
N ALA A 428 -17.95 11.80 16.00
CA ALA A 428 -18.85 12.93 15.82
C ALA A 428 -18.14 14.26 15.63
N MET A 429 -16.85 14.33 15.94
CA MET A 429 -16.06 15.53 15.70
C MET A 429 -15.48 15.59 14.30
N MET A 430 -15.74 14.58 13.46
CA MET A 430 -15.29 14.64 12.07
C MET A 430 -15.96 15.81 11.36
N PRO A 431 -15.33 16.35 10.32
CA PRO A 431 -16.00 17.38 9.51
C PRO A 431 -17.17 16.77 8.77
N SER A 432 -18.12 17.63 8.41
CA SER A 432 -19.30 17.15 7.72
C SER A 432 -18.90 16.54 6.38
N LEU A 433 -19.80 15.72 5.84
CA LEU A 433 -19.60 15.19 4.49
C LEU A 433 -19.39 16.33 3.48
N LEU A 434 -20.18 17.41 3.59
CA LEU A 434 -20.06 18.51 2.65
C LEU A 434 -18.68 19.15 2.74
N THR A 435 -18.23 19.44 3.97
CA THR A 435 -16.89 19.97 4.15
C THR A 435 -15.86 19.06 3.49
N LEU A 436 -15.98 17.73 3.70
CA LEU A 436 -15.07 16.76 3.11
C LEU A 436 -15.18 16.75 1.58
N GLN A 437 -16.39 16.87 1.03
CA GLN A 437 -16.52 16.90 -0.42
C GLN A 437 -15.88 18.16 -0.99
N TRP A 438 -16.01 19.29 -0.28
CA TRP A 438 -15.34 20.53 -0.66
C TRP A 438 -13.83 20.35 -0.73
N LEU A 439 -13.24 19.79 0.34
CA LEU A 439 -11.79 19.69 0.37
C LEU A 439 -11.30 18.75 -0.72
N SER A 440 -12.00 17.65 -0.93
CA SER A 440 -11.64 16.74 -2.01
C SER A 440 -11.74 17.43 -3.37
N PHE A 441 -12.80 18.20 -3.60
CA PHE A 441 -12.93 18.89 -4.89
C PHE A 441 -11.78 19.87 -5.11
N ILE A 442 -11.43 20.66 -4.08
CA ILE A 442 -10.29 21.58 -4.19
C ILE A 442 -9.04 20.81 -4.58
N LEU A 443 -8.77 19.70 -3.89
CA LEU A 443 -7.61 18.86 -4.21
C LEU A 443 -7.67 18.38 -5.65
N SER A 444 -8.84 17.92 -6.08
CA SER A 444 -9.01 17.42 -7.45
C SER A 444 -8.70 18.49 -8.48
N LEU A 445 -9.18 19.73 -8.25
CA LEU A 445 -8.94 20.81 -9.19
C LEU A 445 -7.46 21.22 -9.21
N ALA A 446 -6.88 21.41 -8.02
CA ALA A 446 -5.43 21.63 -7.92
C ALA A 446 -4.66 20.57 -8.69
N GLU A 447 -5.05 19.30 -8.57
CA GLU A 447 -4.33 18.24 -9.27
C GLU A 447 -4.43 18.41 -10.78
N ASN A 448 -5.63 18.73 -11.29
CA ASN A 448 -5.79 18.98 -12.72
C ASN A 448 -4.90 20.12 -13.18
N LEU A 449 -4.87 21.23 -12.42
CA LEU A 449 -4.12 22.41 -12.84
C LEU A 449 -2.60 22.20 -12.79
N CYS A 450 -2.10 21.27 -11.96
CA CYS A 450 -0.67 21.03 -11.83
C CYS A 450 -0.17 19.87 -12.67
N LEU A 451 -1.04 19.30 -13.51
CA LEU A 451 -0.66 18.21 -14.41
C LEU A 451 0.60 18.57 -15.19
N THR A 452 0.59 19.73 -15.85
CA THR A 452 1.78 20.33 -16.41
C THR A 452 2.23 21.44 -15.47
N ASP A 453 3.45 21.93 -15.66
CA ASP A 453 3.91 22.92 -14.70
C ASP A 453 3.37 24.30 -15.05
N SER A 454 2.03 24.34 -15.15
CA SER A 454 1.29 25.61 -15.34
C SER A 454 1.73 26.53 -14.22
N HIS A 455 2.43 27.61 -14.57
CA HIS A 455 3.03 28.49 -13.61
CA HIS A 455 3.06 28.52 -13.64
C HIS A 455 2.16 29.73 -13.41
N HIS A 456 2.28 30.32 -12.22
CA HIS A 456 1.56 31.52 -11.83
C HIS A 456 0.07 31.53 -12.17
N LEU A 457 -0.68 30.65 -11.52
CA LEU A 457 -2.12 30.64 -11.60
C LEU A 457 -2.67 31.59 -10.56
N LYS A 458 -3.79 32.22 -10.88
CA LYS A 458 -4.49 33.15 -9.99
C LYS A 458 -5.98 32.85 -10.05
N TYR A 459 -6.69 33.06 -8.93
CA TYR A 459 -8.10 32.69 -8.85
C TYR A 459 -8.91 33.89 -8.37
N THR A 460 -10.10 34.08 -8.96
CA THR A 460 -11.09 35.02 -8.45
C THR A 460 -12.46 34.36 -8.45
N LEU A 461 -13.32 34.84 -7.55
CA LEU A 461 -14.66 34.31 -7.35
C LEU A 461 -15.67 35.46 -7.38
N GLU A 462 -16.71 35.30 -8.19
CA GLU A 462 -17.84 36.22 -8.20
C GLU A 462 -19.10 35.38 -8.11
N LYS A 463 -19.78 35.47 -6.96
CA LYS A 463 -20.99 34.65 -6.63
C LYS A 463 -20.55 33.19 -6.61
N ASN A 464 -21.14 32.33 -7.45
CA ASN A 464 -20.66 30.96 -7.51
C ASN A 464 -19.90 30.70 -8.82
N LYS A 465 -19.12 31.69 -9.25
CA LYS A 465 -18.34 31.56 -10.47
C LYS A 465 -16.86 31.66 -10.10
N LEU A 466 -16.14 30.56 -10.27
CA LEU A 466 -14.70 30.55 -10.08
C LEU A 466 -14.03 30.79 -11.42
N VAL A 467 -13.16 31.81 -11.47
CA VAL A 467 -12.41 32.15 -12.67
C VAL A 467 -10.94 31.85 -12.42
N ILE A 468 -10.35 31.04 -13.30
CA ILE A 468 -8.95 30.66 -13.24
C ILE A 468 -8.19 31.52 -14.26
N HIS A 469 -7.21 32.30 -13.77
CA HIS A 469 -6.41 33.21 -14.59
C HIS A 469 -5.07 32.56 -14.89
N SER A 470 -4.78 32.38 -16.17
CA SER A 470 -3.57 31.70 -16.59
C SER A 470 -3.14 32.21 -17.94
N ASN A 471 -1.84 32.21 -18.16
CA ASN A 471 -1.28 32.40 -19.49
C ASN A 471 -1.14 31.08 -20.24
N ASP A 472 -1.50 29.95 -19.63
CA ASP A 472 -1.39 28.64 -20.28
C ASP A 472 -2.65 28.28 -21.05
N ALA A 473 -2.46 27.43 -22.08
CA ALA A 473 -3.61 26.88 -22.79
C ALA A 473 -4.43 25.99 -21.87
N LEU A 474 -3.76 25.36 -20.89
CA LEU A 474 -4.40 24.42 -19.97
C LEU A 474 -5.28 23.42 -20.71
N TYR A 475 -4.76 22.92 -21.85
CA TYR A 475 -5.57 22.06 -22.70
C TYR A 475 -6.07 20.83 -21.94
N LEU A 476 -5.17 20.11 -21.27
CA LEU A 476 -5.55 18.85 -20.61
C LEU A 476 -6.44 19.10 -19.41
N ALA A 477 -6.19 20.16 -18.65
CA ALA A 477 -7.02 20.45 -17.48
C ALA A 477 -8.47 20.71 -17.91
N LYS A 478 -8.66 21.41 -19.02
CA LYS A 478 -10.00 21.62 -19.55
C LYS A 478 -10.64 20.32 -19.99
N GLU A 479 -9.88 19.46 -20.69
CA GLU A 479 -10.42 18.18 -21.14
C GLU A 479 -10.92 17.35 -19.95
N MET A 480 -10.36 17.55 -18.77
CA MET A 480 -10.78 16.80 -17.59
C MET A 480 -11.82 17.51 -16.73
N LEU A 481 -12.17 18.75 -17.05
CA LEU A 481 -13.08 19.51 -16.20
C LEU A 481 -14.37 18.74 -15.88
N PRO A 482 -14.99 18.03 -16.83
CA PRO A 482 -16.26 17.34 -16.52
C PRO A 482 -16.14 16.16 -15.55
N LYS A 483 -14.94 15.66 -15.26
CA LYS A 483 -14.83 14.56 -14.32
C LYS A 483 -14.68 15.00 -12.87
N LEU A 484 -14.53 16.30 -12.61
CA LEU A 484 -14.58 16.78 -11.23
C LEU A 484 -15.99 16.60 -10.67
N VAL A 485 -16.06 16.31 -9.37
CA VAL A 485 -17.33 16.20 -8.66
C VAL A 485 -17.46 17.45 -7.79
N LYS A 486 -18.37 18.36 -8.16
CA LYS A 486 -18.45 19.61 -7.44
C LYS A 486 -19.27 19.45 -6.15
N PRO A 487 -18.93 20.18 -5.10
CA PRO A 487 -19.68 20.04 -3.84
C PRO A 487 -21.01 20.76 -3.85
N ILE A 488 -21.07 21.88 -4.55
CA ILE A 488 -22.31 22.62 -4.75
C ILE A 488 -22.34 22.99 -6.23
N PRO A 489 -23.43 23.58 -6.73
CA PRO A 489 -23.41 24.13 -8.10
C PRO A 489 -22.37 25.24 -8.22
N LEU A 490 -21.48 25.10 -9.19
CA LEU A 490 -20.39 26.06 -9.34
C LEU A 490 -19.96 26.08 -10.80
N THR A 491 -19.75 27.28 -11.31
CA THR A 491 -19.29 27.46 -12.68
C THR A 491 -17.78 27.69 -12.64
N ILE A 492 -17.05 27.01 -13.51
CA ILE A 492 -15.60 27.20 -13.58
C ILE A 492 -15.25 27.80 -14.94
N GLU A 493 -14.61 28.95 -14.94
CA GLU A 493 -14.22 29.59 -16.18
C GLU A 493 -12.71 29.82 -16.21
N PHE A 494 -12.17 29.81 -17.43
CA PHE A 494 -10.78 30.13 -17.67
C PHE A 494 -10.71 31.46 -18.42
N ALA A 495 -10.03 32.43 -17.83
CA ALA A 495 -9.72 33.70 -18.49
C ALA A 495 -8.33 33.67 -19.15
N ALA B 13 19.06 4.95 -20.78
CA ALA B 13 18.18 5.97 -20.21
C ALA B 13 17.41 5.45 -19.00
N LYS B 14 17.55 6.13 -17.86
CA LYS B 14 16.79 5.74 -16.66
C LYS B 14 15.29 5.96 -16.83
N ILE B 15 14.88 7.10 -17.38
CA ILE B 15 13.47 7.43 -17.54
C ILE B 15 13.20 7.73 -19.01
N THR B 16 12.22 7.00 -19.59
CA THR B 16 11.86 7.02 -21.00
C THR B 16 10.37 7.28 -21.16
N THR B 17 10.00 8.26 -22.00
CA THR B 17 8.61 8.52 -22.34
C THR B 17 8.26 7.97 -23.73
N VAL B 18 7.11 7.28 -23.82
CA VAL B 18 6.55 6.84 -25.11
C VAL B 18 5.25 7.57 -25.35
N ILE B 19 5.08 8.14 -26.54
CA ILE B 19 3.83 8.77 -26.96
C ILE B 19 3.32 8.01 -28.18
N ASP B 20 2.10 7.46 -28.06
CA ASP B 20 1.45 6.64 -29.08
C ASP B 20 0.29 7.48 -29.62
N ILE B 21 0.51 8.11 -30.79
CA ILE B 21 -0.45 8.99 -31.44
C ILE B 21 -1.45 8.15 -32.22
N GLY B 22 -2.55 7.78 -31.57
CA GLY B 22 -3.57 7.00 -32.21
C GLY B 22 -4.58 7.85 -32.95
N SER B 23 -5.48 7.16 -33.66
CA SER B 23 -6.53 7.80 -34.46
C SER B 23 -7.68 8.31 -33.60
N ASN B 24 -7.85 7.76 -32.39
CA ASN B 24 -8.74 8.26 -31.36
C ASN B 24 -7.97 8.79 -30.14
N SER B 25 -7.54 7.90 -29.24
CA SER B 25 -6.67 8.33 -28.14
C SER B 25 -5.25 8.64 -28.61
N VAL B 26 -4.68 9.70 -28.06
CA VAL B 26 -3.24 9.86 -27.96
C VAL B 26 -2.87 9.46 -26.53
N ARG B 27 -1.93 8.52 -26.39
CA ARG B 27 -1.55 7.96 -25.11
C ARG B 27 -0.14 8.40 -24.77
N LEU B 28 0.12 8.52 -23.48
CA LEU B 28 1.43 8.86 -22.94
C LEU B 28 1.75 7.87 -21.83
N ALA B 29 3.00 7.41 -21.79
CA ALA B 29 3.48 6.59 -20.68
C ALA B 29 4.92 6.95 -20.37
N VAL B 30 5.23 7.17 -19.09
CA VAL B 30 6.58 7.45 -18.62
C VAL B 30 7.07 6.23 -17.84
N PHE B 31 8.15 5.62 -18.31
CA PHE B 31 8.70 4.39 -17.75
C PHE B 31 9.97 4.69 -16.97
N LYS B 32 10.12 4.06 -15.81
CA LYS B 32 11.36 4.14 -15.05
C LYS B 32 11.99 2.75 -15.01
N LYS B 33 13.25 2.68 -15.44
CA LYS B 33 14.05 1.46 -15.44
C LYS B 33 14.74 1.35 -14.08
N THR B 34 14.49 0.26 -13.35
CA THR B 34 15.08 0.08 -12.02
C THR B 34 16.22 -0.93 -11.99
N SER B 35 16.39 -1.73 -13.03
CA SER B 35 17.54 -2.62 -13.15
C SER B 35 17.59 -3.06 -14.61
N GLN B 36 18.49 -4.00 -14.92
CA GLN B 36 18.61 -4.45 -16.30
C GLN B 36 17.24 -4.78 -16.90
N PHE B 37 16.40 -5.49 -16.17
CA PHE B 37 15.08 -5.87 -16.66
C PHE B 37 13.94 -5.34 -15.80
N GLY B 38 14.21 -4.69 -14.71
CA GLY B 38 13.16 -4.17 -13.84
C GLY B 38 12.73 -2.80 -14.32
N PHE B 39 11.42 -2.61 -14.43
CA PHE B 39 10.88 -1.29 -14.73
C PHE B 39 9.46 -1.20 -14.21
N TYR B 40 8.99 0.05 -14.05
CA TYR B 40 7.60 0.31 -13.73
C TYR B 40 7.15 1.62 -14.37
N LEU B 41 5.84 1.81 -14.39
CA LEU B 41 5.21 2.98 -14.99
C LEU B 41 5.18 4.11 -13.97
N LEU B 42 5.91 5.19 -14.27
CA LEU B 42 5.91 6.37 -13.42
C LEU B 42 4.65 7.20 -13.57
N PHE B 43 4.11 7.25 -14.78
CA PHE B 43 2.96 8.08 -15.10
C PHE B 43 2.35 7.57 -16.39
N GLU B 44 1.04 7.71 -16.51
CA GLU B 44 0.43 7.40 -17.79
C GLU B 44 -0.85 8.21 -17.91
N THR B 45 -1.27 8.45 -19.16
CA THR B 45 -2.53 9.14 -19.40
C THR B 45 -2.86 9.01 -20.88
N LYS B 46 -4.08 9.39 -21.24
CA LYS B 46 -4.50 9.41 -22.64
C LYS B 46 -5.46 10.58 -22.82
N SER B 47 -5.51 11.11 -24.04
CA SER B 47 -6.36 12.25 -24.33
C SER B 47 -7.16 11.96 -25.57
N LYS B 48 -8.44 12.32 -25.53
CA LYS B 48 -9.36 12.02 -26.62
C LYS B 48 -9.21 13.08 -27.71
N VAL B 49 -8.05 13.03 -28.39
CA VAL B 49 -7.78 14.03 -29.42
CA VAL B 49 -7.73 14.00 -29.44
C VAL B 49 -8.52 13.71 -30.72
N ARG B 50 -8.66 12.42 -31.06
CA ARG B 50 -9.35 11.96 -32.26
C ARG B 50 -8.91 12.75 -33.49
N ILE B 51 -7.61 12.62 -33.78
CA ILE B 51 -7.03 13.32 -34.90
C ILE B 51 -7.71 12.92 -36.21
N SER B 52 -8.36 11.76 -36.24
CA SER B 52 -9.01 11.30 -37.44
C SER B 52 -10.38 11.92 -37.68
N GLU B 53 -10.86 12.78 -36.78
CA GLU B 53 -12.25 13.25 -36.86
C GLU B 53 -12.54 13.89 -38.21
N GLY B 54 -13.54 13.36 -38.91
CA GLY B 54 -13.96 13.91 -40.19
C GLY B 54 -13.03 13.66 -41.36
N CYS B 55 -11.95 12.89 -41.17
CA CYS B 55 -10.99 12.70 -42.25
C CYS B 55 -11.44 11.63 -43.26
N TYR B 56 -12.30 10.69 -42.85
CA TYR B 56 -12.56 9.53 -43.70
C TYR B 56 -13.36 9.88 -44.94
N ALA B 57 -14.10 10.98 -44.93
CA ALA B 57 -14.80 11.46 -46.11
C ALA B 57 -13.92 12.35 -46.99
N PHE B 58 -12.69 12.66 -46.58
CA PHE B 58 -11.78 13.52 -47.32
C PHE B 58 -10.47 12.79 -47.63
N ASN B 59 -10.61 11.52 -47.99
CA ASN B 59 -9.48 10.71 -48.43
C ASN B 59 -8.38 10.62 -47.36
N GLY B 60 -8.79 10.59 -46.08
CA GLY B 60 -7.86 10.51 -44.96
C GLY B 60 -7.10 11.78 -44.64
N ILE B 61 -7.37 12.88 -45.34
CA ILE B 61 -6.73 14.17 -45.05
C ILE B 61 -7.10 14.60 -43.63
N LEU B 62 -6.08 14.72 -42.76
CA LEU B 62 -6.32 15.21 -41.40
C LEU B 62 -6.85 16.64 -41.45
N GLN B 63 -7.92 16.90 -40.70
CA GLN B 63 -8.63 18.17 -40.71
C GLN B 63 -8.04 19.16 -39.70
N GLU B 64 -8.35 20.45 -39.92
CA GLU B 64 -7.61 21.51 -39.25
C GLU B 64 -7.86 21.50 -37.75
N ILE B 65 -9.12 21.50 -37.31
CA ILE B 65 -9.43 21.54 -35.88
C ILE B 65 -8.84 20.30 -35.17
N PRO B 66 -9.06 19.09 -35.68
CA PRO B 66 -8.42 17.92 -35.02
C PRO B 66 -6.90 18.02 -34.96
N MET B 67 -6.27 18.54 -36.01
CA MET B 67 -4.81 18.73 -35.97
C MET B 67 -4.40 19.72 -34.89
N GLN B 68 -5.20 20.79 -34.70
CA GLN B 68 -4.93 21.77 -33.66
C GLN B 68 -4.97 21.14 -32.26
N ARG B 69 -6.01 20.34 -32.00
CA ARG B 69 -6.08 19.56 -30.75
C ARG B 69 -4.83 18.73 -30.54
N ALA B 70 -4.44 17.98 -31.57
CA ALA B 70 -3.27 17.11 -31.46
C ALA B 70 -2.05 17.91 -31.05
N VAL B 71 -1.81 19.04 -31.71
CA VAL B 71 -0.65 19.84 -31.36
C VAL B 71 -0.72 20.27 -29.90
N LYS B 72 -1.90 20.73 -29.46
CA LYS B 72 -1.99 21.25 -28.08
C LYS B 72 -1.80 20.14 -27.06
N ALA B 73 -2.38 18.97 -27.33
CA ALA B 73 -2.21 17.82 -26.44
C ALA B 73 -0.77 17.34 -26.45
N LEU B 74 -0.15 17.30 -27.63
CA LEU B 74 1.20 16.76 -27.73
C LEU B 74 2.20 17.66 -27.02
N SER B 75 1.97 18.98 -27.08
CA SER B 75 2.80 19.93 -26.35
C SER B 75 2.73 19.67 -24.87
N GLU B 76 1.54 19.39 -24.34
CA GLU B 76 1.46 19.15 -22.91
C GLU B 76 2.03 17.79 -22.56
N PHE B 77 1.86 16.78 -23.43
CA PHE B 77 2.53 15.50 -23.19
C PHE B 77 4.05 15.67 -23.09
N LYS B 78 4.64 16.46 -24.00
CA LYS B 78 6.06 16.77 -23.93
C LYS B 78 6.43 17.42 -22.60
N GLU B 79 5.65 18.42 -22.16
CA GLU B 79 5.88 19.03 -20.86
C GLU B 79 5.91 17.97 -19.76
N ILE B 80 4.95 17.04 -19.78
CA ILE B 80 4.87 15.98 -18.78
C ILE B 80 6.11 15.10 -18.85
N ALA B 81 6.56 14.77 -20.06
CA ALA B 81 7.78 13.98 -20.22
C ALA B 81 8.96 14.65 -19.50
N LEU B 82 9.12 15.97 -19.71
CA LEU B 82 10.24 16.70 -19.09
C LEU B 82 10.01 16.93 -17.60
N LYS B 83 8.75 17.08 -17.18
CA LYS B 83 8.45 17.22 -15.76
C LYS B 83 8.96 16.02 -14.95
N TYR B 84 9.03 14.85 -15.59
CA TYR B 84 9.47 13.61 -14.95
C TYR B 84 10.91 13.27 -15.32
N LYS B 85 11.61 14.17 -16.00
CA LYS B 85 13.05 14.07 -16.25
C LYS B 85 13.38 13.01 -17.30
N SER B 86 12.54 12.88 -18.33
CA SER B 86 12.81 11.86 -19.34
C SER B 86 14.10 12.18 -20.07
N LYS B 87 14.96 11.19 -20.20
CA LYS B 87 16.16 11.31 -21.01
C LYS B 87 15.89 11.00 -22.48
N LYS B 88 14.77 10.35 -22.77
CA LYS B 88 14.40 10.01 -24.14
C LYS B 88 12.89 10.13 -24.29
N ILE B 89 12.44 10.61 -25.45
CA ILE B 89 11.01 10.69 -25.77
C ILE B 89 10.79 10.03 -27.13
N LEU B 90 10.07 8.92 -27.14
CA LEU B 90 9.79 8.19 -28.37
C LEU B 90 8.33 8.40 -28.78
N CYS B 91 8.13 8.98 -29.97
N CYS B 91 8.14 9.03 -29.94
CA CYS B 91 6.80 9.32 -30.45
CA CYS B 91 6.81 9.34 -30.50
C CYS B 91 6.49 8.60 -31.76
C CYS B 91 6.57 8.49 -31.74
N VAL B 92 5.47 7.74 -31.74
CA VAL B 92 5.03 6.98 -32.90
C VAL B 92 3.60 7.40 -33.26
N ALA B 93 3.25 7.27 -34.53
CA ALA B 93 1.91 7.62 -35.02
C ALA B 93 1.40 6.52 -35.93
N THR B 94 0.12 6.15 -35.78
CA THR B 94 -0.45 5.00 -36.45
C THR B 94 -1.51 5.43 -37.47
N SER B 95 -2.59 4.64 -37.59
CA SER B 95 -3.37 4.55 -38.82
C SER B 95 -3.77 5.91 -39.44
N ALA B 96 -4.47 6.77 -38.70
CA ALA B 96 -4.92 8.02 -39.32
C ALA B 96 -3.74 8.86 -39.83
N VAL B 97 -2.62 8.86 -39.12
CA VAL B 97 -1.53 9.70 -39.60
C VAL B 97 -0.81 9.04 -40.78
N ARG B 98 -0.58 7.73 -40.70
CA ARG B 98 0.13 7.07 -41.79
C ARG B 98 -0.69 7.06 -43.09
N ASP B 99 -2.02 7.07 -42.99
CA ASP B 99 -2.90 7.08 -44.15
C ASP B 99 -3.04 8.46 -44.78
N ALA B 100 -2.60 9.52 -44.07
CA ALA B 100 -3.06 10.87 -44.39
C ALA B 100 -2.22 11.45 -45.51
N PRO B 101 -2.85 11.93 -46.60
CA PRO B 101 -2.07 12.63 -47.64
C PRO B 101 -1.26 13.81 -47.10
N ASN B 102 -1.77 14.58 -46.13
CA ASN B 102 -1.00 15.68 -45.53
C ASN B 102 -0.21 15.26 -44.29
N ARG B 103 0.16 13.98 -44.17
CA ARG B 103 0.79 13.49 -42.95
C ARG B 103 2.12 14.20 -42.69
N LEU B 104 2.88 14.48 -43.75
CA LEU B 104 4.19 15.09 -43.59
C LEU B 104 4.07 16.55 -43.14
N GLU B 105 2.96 17.20 -43.46
CA GLU B 105 2.76 18.56 -42.97
C GLU B 105 2.37 18.57 -41.50
N PHE B 106 1.58 17.58 -41.06
CA PHE B 106 1.25 17.49 -39.65
C PHE B 106 2.48 17.20 -38.82
N VAL B 107 3.30 16.24 -39.26
CA VAL B 107 4.57 15.95 -38.60
C VAL B 107 5.39 17.23 -38.48
N ALA B 108 5.37 18.07 -39.52
CA ALA B 108 6.19 19.27 -39.50
C ALA B 108 5.60 20.34 -38.59
N ARG B 109 4.27 20.49 -38.58
CA ARG B 109 3.61 21.41 -37.66
C ARG B 109 3.88 21.03 -36.20
N VAL B 110 3.89 19.73 -35.89
CA VAL B 110 4.18 19.30 -34.53
C VAL B 110 5.62 19.65 -34.17
N LYS B 111 6.56 19.34 -35.06
CA LYS B 111 7.95 19.65 -34.79
C LYS B 111 8.12 21.14 -34.52
N LYS B 112 7.51 21.97 -35.36
CA LYS B 112 7.66 23.42 -35.20
C LYS B 112 6.96 23.89 -33.92
N ALA B 113 5.83 23.26 -33.58
CA ALA B 113 5.06 23.70 -32.42
C ALA B 113 5.74 23.30 -31.11
N CYS B 114 6.43 22.16 -31.06
CA CYS B 114 7.01 21.76 -29.78
C CYS B 114 8.32 20.98 -29.85
N GLY B 115 8.97 20.88 -31.01
CA GLY B 115 10.21 20.14 -31.08
C GLY B 115 10.10 18.62 -31.01
N LEU B 116 8.89 18.08 -30.88
CA LEU B 116 8.70 16.63 -30.92
C LEU B 116 8.82 16.13 -32.36
N GLN B 117 9.65 15.11 -32.56
CA GLN B 117 9.79 14.46 -33.87
C GLN B 117 8.96 13.18 -33.89
N ILE B 118 8.00 13.11 -34.79
CA ILE B 118 7.06 11.99 -34.86
C ILE B 118 7.57 10.98 -35.86
N LYS B 119 7.52 9.70 -35.49
CA LYS B 119 7.90 8.64 -36.44
C LYS B 119 6.63 7.90 -36.90
N ILE B 120 6.19 8.14 -38.13
CA ILE B 120 5.04 7.38 -38.67
C ILE B 120 5.45 5.92 -38.82
N ILE B 121 4.65 5.00 -38.28
CA ILE B 121 5.00 3.58 -38.35
C ILE B 121 3.97 2.85 -39.19
N ASP B 122 4.42 1.84 -39.94
CA ASP B 122 3.44 1.15 -40.77
C ASP B 122 2.64 0.16 -39.92
N GLY B 123 1.61 -0.43 -40.53
CA GLY B 123 0.72 -1.30 -39.79
C GLY B 123 1.45 -2.50 -39.20
N GLN B 124 2.41 -3.06 -39.95
CA GLN B 124 3.14 -4.23 -39.49
C GLN B 124 3.97 -3.91 -38.26
N LYS B 125 4.62 -2.74 -38.24
CA LYS B 125 5.37 -2.35 -37.06
C LYS B 125 4.44 -2.07 -35.89
N GLU B 126 3.24 -1.53 -36.16
CA GLU B 126 2.27 -1.32 -35.10
C GLU B 126 1.84 -2.65 -34.48
N ALA B 127 1.52 -3.64 -35.32
CA ALA B 127 1.23 -4.99 -34.85
C ALA B 127 2.39 -5.56 -34.03
N LEU B 128 3.62 -5.37 -34.48
CA LEU B 128 4.79 -5.89 -33.75
C LEU B 128 4.88 -5.30 -32.34
N TYR B 129 4.71 -3.98 -32.21
CA TYR B 129 4.81 -3.36 -30.89
C TYR B 129 3.79 -3.95 -29.93
N GLY B 130 2.54 -4.09 -30.38
CA GLY B 130 1.54 -4.78 -29.58
C GLY B 130 1.92 -6.21 -29.27
N GLY B 131 2.48 -6.92 -30.26
CA GLY B 131 2.92 -8.30 -30.02
C GLY B 131 4.00 -8.38 -28.96
N ILE B 132 5.00 -7.50 -29.06
CA ILE B 132 6.10 -7.49 -28.12
C ILE B 132 5.60 -7.26 -26.71
N ALA B 133 4.71 -6.28 -26.53
CA ALA B 133 4.12 -6.02 -25.21
C ALA B 133 3.41 -7.25 -24.67
N CYS B 134 2.55 -7.86 -25.50
CA CYS B 134 1.75 -8.99 -25.02
C CYS B 134 2.59 -10.25 -24.87
N ALA B 135 3.57 -10.46 -25.76
CA ALA B 135 4.38 -11.68 -25.64
C ALA B 135 5.14 -11.71 -24.33
N ASN B 136 5.45 -10.54 -23.77
CA ASN B 136 6.31 -10.47 -22.59
C ASN B 136 5.57 -10.20 -21.29
N LEU B 137 4.42 -9.51 -21.34
CA LEU B 137 3.80 -8.98 -20.13
C LEU B 137 2.49 -9.68 -19.73
N LEU B 138 2.02 -10.64 -20.52
CA LEU B 138 0.84 -11.40 -20.16
C LEU B 138 1.26 -12.75 -19.60
N HIS B 139 0.28 -13.54 -19.18
CA HIS B 139 0.57 -14.83 -18.54
C HIS B 139 0.38 -16.02 -19.46
N LYS B 140 0.03 -15.81 -20.73
CA LYS B 140 -0.02 -16.86 -21.72
C LYS B 140 1.08 -16.63 -22.73
N ASN B 141 1.73 -17.71 -23.16
CA ASN B 141 2.81 -17.57 -24.13
C ASN B 141 2.35 -17.60 -25.59
N SER B 142 1.22 -18.23 -25.89
CA SER B 142 0.79 -18.37 -27.28
C SER B 142 -0.62 -17.83 -27.43
N GLY B 143 -0.90 -17.23 -28.58
CA GLY B 143 -2.16 -16.57 -28.83
C GLY B 143 -2.01 -15.53 -29.92
N ILE B 144 -3.12 -14.81 -30.16
CA ILE B 144 -3.16 -13.74 -31.15
C ILE B 144 -3.64 -12.46 -30.48
N THR B 145 -2.85 -11.39 -30.62
CA THR B 145 -3.30 -10.09 -30.17
C THR B 145 -4.42 -9.58 -31.08
N ILE B 146 -5.32 -8.79 -30.50
CA ILE B 146 -6.31 -8.02 -31.22
C ILE B 146 -6.22 -6.59 -30.69
N ASP B 147 -5.63 -5.69 -31.48
CA ASP B 147 -5.46 -4.29 -31.09
C ASP B 147 -6.36 -3.45 -31.98
N ILE B 148 -7.58 -3.24 -31.50
CA ILE B 148 -8.55 -2.41 -32.20
C ILE B 148 -8.32 -0.98 -31.76
N GLY B 149 -7.99 -0.12 -32.73
CA GLY B 149 -7.84 1.29 -32.48
C GLY B 149 -8.89 2.08 -33.23
N GLY B 150 -8.76 3.40 -33.26
CA GLY B 150 -9.74 4.22 -33.95
C GLY B 150 -9.69 4.09 -35.47
N GLY B 151 -8.53 3.73 -36.02
CA GLY B 151 -8.37 3.68 -37.46
C GLY B 151 -8.05 2.30 -38.04
N SER B 152 -7.32 1.46 -37.29
CA SER B 152 -6.91 0.16 -37.78
C SER B 152 -6.96 -0.86 -36.66
N THR B 153 -6.83 -2.13 -37.05
CA THR B 153 -6.79 -3.26 -36.13
C THR B 153 -5.59 -4.14 -36.44
N GLU B 154 -4.75 -4.39 -35.43
CA GLU B 154 -3.58 -5.24 -35.58
C GLU B 154 -3.76 -6.57 -34.86
N CYS B 155 -3.26 -7.63 -35.49
CA CYS B 155 -3.17 -8.95 -34.91
C CYS B 155 -1.76 -9.47 -35.10
N ALA B 156 -1.15 -9.93 -34.03
CA ALA B 156 0.16 -10.56 -34.05
C ALA B 156 0.02 -11.97 -33.51
N LEU B 157 0.47 -12.94 -34.30
CA LEU B 157 0.47 -14.33 -33.84
C LEU B 157 1.70 -14.58 -32.98
N ILE B 158 1.49 -15.09 -31.77
CA ILE B 158 2.56 -15.36 -30.81
C ILE B 158 2.52 -16.86 -30.50
N GLU B 159 3.68 -17.49 -30.56
CA GLU B 159 3.79 -18.92 -30.28
C GLU B 159 4.98 -19.09 -29.33
N LYS B 160 4.70 -19.64 -28.14
CA LYS B 160 5.66 -19.84 -27.07
C LYS B 160 6.53 -18.60 -26.90
N GLY B 161 5.92 -17.43 -26.96
CA GLY B 161 6.60 -16.16 -26.68
C GLY B 161 7.32 -15.49 -27.83
N LYS B 162 7.22 -16.03 -29.05
CA LYS B 162 7.90 -15.47 -30.21
C LYS B 162 6.88 -15.05 -31.24
N ILE B 163 7.10 -13.87 -31.83
CA ILE B 163 6.21 -13.36 -32.86
C ILE B 163 6.48 -14.13 -34.15
N LYS B 164 5.42 -14.67 -34.75
CA LYS B 164 5.57 -15.46 -35.96
C LYS B 164 4.88 -14.86 -37.18
N ASP B 165 4.04 -13.84 -37.00
CA ASP B 165 3.37 -13.21 -38.12
C ASP B 165 2.59 -12.01 -37.60
N LEU B 166 2.50 -10.97 -38.44
CA LEU B 166 1.90 -9.67 -38.14
C LEU B 166 0.92 -9.32 -39.23
N ILE B 167 -0.27 -8.85 -38.86
CA ILE B 167 -1.25 -8.37 -39.83
C ILE B 167 -1.92 -7.12 -39.28
N SER B 168 -2.17 -6.16 -40.16
CA SER B 168 -2.87 -4.93 -39.82
C SER B 168 -4.01 -4.76 -40.80
N LEU B 169 -5.22 -4.50 -40.29
CA LEU B 169 -6.42 -4.33 -41.10
C LEU B 169 -6.90 -2.89 -41.00
N ASP B 170 -7.39 -2.36 -42.12
CA ASP B 170 -7.86 -0.97 -42.15
C ASP B 170 -9.34 -0.89 -41.72
N VAL B 171 -9.57 -1.37 -40.50
CA VAL B 171 -10.85 -1.20 -39.82
C VAL B 171 -10.56 -0.70 -38.42
N GLY B 172 -11.31 0.32 -38.01
CA GLY B 172 -11.13 0.90 -36.69
C GLY B 172 -12.42 1.57 -36.29
N THR B 173 -12.52 1.89 -34.99
CA THR B 173 -13.78 2.35 -34.43
C THR B 173 -14.27 3.62 -35.11
N ILE B 174 -13.39 4.59 -35.36
CA ILE B 174 -13.87 5.85 -35.91
C ILE B 174 -14.10 5.72 -37.42
N ARG B 175 -13.25 4.96 -38.11
CA ARG B 175 -13.47 4.67 -39.53
C ARG B 175 -14.87 4.08 -39.75
N ILE B 176 -15.23 3.05 -39.00
CA ILE B 176 -16.56 2.45 -39.16
C ILE B 176 -17.66 3.43 -38.77
N LYS B 177 -17.44 4.20 -37.69
CA LYS B 177 -18.46 5.13 -37.20
C LYS B 177 -18.77 6.21 -38.23
N GLU B 178 -17.73 6.81 -38.83
CA GLU B 178 -17.95 7.87 -39.79
C GLU B 178 -18.39 7.36 -41.15
N MET B 179 -17.96 6.17 -41.57
CA MET B 179 -18.37 5.68 -42.88
C MET B 179 -19.78 5.08 -42.86
N PHE B 180 -20.18 4.47 -41.74
CA PHE B 180 -21.43 3.71 -41.69
C PHE B 180 -22.38 4.19 -40.58
N LEU B 181 -21.98 4.09 -39.31
CA LEU B 181 -22.98 4.22 -38.25
C LEU B 181 -23.49 5.65 -38.14
N ASP B 182 -22.63 6.64 -38.41
CA ASP B 182 -23.05 8.04 -38.37
C ASP B 182 -24.04 8.36 -39.47
N LYS B 183 -24.00 7.62 -40.57
CA LYS B 183 -24.92 7.84 -41.68
C LYS B 183 -26.18 7.00 -41.58
N ASP B 184 -26.41 6.37 -40.42
CA ASP B 184 -27.54 5.48 -40.22
C ASP B 184 -27.65 4.40 -41.30
N LEU B 185 -26.54 4.12 -41.97
CA LEU B 185 -26.45 2.93 -42.81
C LEU B 185 -26.71 1.68 -41.97
N ASP B 186 -27.45 0.74 -42.54
CA ASP B 186 -27.71 -0.51 -41.84
C ASP B 186 -26.41 -1.11 -41.33
N VAL B 187 -26.44 -1.56 -40.08
CA VAL B 187 -25.24 -2.17 -39.50
C VAL B 187 -24.74 -3.35 -40.32
N LYS B 188 -25.62 -3.98 -41.09
CA LYS B 188 -25.19 -5.10 -41.93
C LYS B 188 -24.10 -4.67 -42.92
N LEU B 189 -24.22 -3.46 -43.48
CA LEU B 189 -23.21 -2.97 -44.41
C LEU B 189 -21.85 -2.77 -43.73
N ALA B 190 -21.85 -2.32 -42.47
CA ALA B 190 -20.60 -2.14 -41.74
C ALA B 190 -19.97 -3.49 -41.44
N LYS B 191 -20.80 -4.47 -41.05
CA LYS B 191 -20.28 -5.81 -40.74
C LYS B 191 -19.60 -6.41 -41.96
N ALA B 192 -20.23 -6.30 -43.13
CA ALA B 192 -19.62 -6.83 -44.36
C ALA B 192 -18.27 -6.15 -44.63
N PHE B 193 -18.25 -4.81 -44.54
CA PHE B 193 -17.01 -4.06 -44.69
C PHE B 193 -15.94 -4.57 -43.73
N ILE B 194 -16.30 -4.85 -42.47
CA ILE B 194 -15.33 -5.38 -41.52
C ILE B 194 -14.92 -6.79 -41.91
N GLN B 195 -15.89 -7.67 -42.22
CA GLN B 195 -15.58 -9.06 -42.53
C GLN B 195 -14.69 -9.18 -43.76
N LYS B 196 -14.90 -8.28 -44.73
CA LYS B 196 -14.09 -8.33 -45.95
C LYS B 196 -12.61 -8.19 -45.60
N GLU B 197 -12.29 -7.35 -44.61
CA GLU B 197 -10.91 -7.26 -44.15
C GLU B 197 -10.56 -8.37 -43.17
N VAL B 198 -11.48 -8.71 -42.27
CA VAL B 198 -11.12 -9.74 -41.28
C VAL B 198 -10.87 -11.07 -41.96
N SER B 199 -11.51 -11.32 -43.12
CA SER B 199 -11.21 -12.51 -43.94
C SER B 199 -9.73 -12.63 -44.22
N LYS B 200 -8.99 -11.54 -44.24
CA LYS B 200 -7.60 -11.66 -44.66
C LYS B 200 -6.67 -12.14 -43.56
N LEU B 201 -7.17 -12.42 -42.36
CA LEU B 201 -6.30 -12.91 -41.28
C LEU B 201 -5.94 -14.37 -41.53
N PRO B 202 -4.67 -14.70 -41.66
CA PRO B 202 -4.29 -16.06 -42.06
C PRO B 202 -4.02 -17.02 -40.90
N PHE B 203 -4.64 -16.84 -39.75
CA PHE B 203 -4.33 -17.72 -38.62
C PHE B 203 -5.49 -17.76 -37.65
N LYS B 204 -5.47 -18.77 -36.78
CA LYS B 204 -6.51 -19.01 -35.78
C LYS B 204 -5.84 -19.47 -34.49
N HIS B 205 -6.54 -19.31 -33.37
CA HIS B 205 -5.95 -19.72 -32.10
C HIS B 205 -6.97 -19.68 -30.98
N LYS B 206 -6.84 -20.59 -30.02
CA LYS B 206 -7.77 -20.62 -28.90
C LYS B 206 -7.66 -19.35 -28.06
N ASN B 207 -6.46 -18.74 -27.98
CA ASN B 207 -6.17 -17.58 -27.14
C ASN B 207 -6.12 -16.29 -27.97
N ALA B 208 -6.71 -15.21 -27.43
CA ALA B 208 -6.54 -13.87 -27.96
C ALA B 208 -6.10 -12.93 -26.84
N PHE B 209 -5.29 -11.93 -27.20
CA PHE B 209 -4.82 -10.92 -26.26
C PHE B 209 -5.46 -9.59 -26.64
N GLY B 210 -6.44 -9.15 -25.85
CA GLY B 210 -7.22 -7.96 -26.12
C GLY B 210 -6.50 -6.66 -25.77
N VAL B 211 -6.27 -5.83 -26.78
CA VAL B 211 -5.48 -4.61 -26.63
C VAL B 211 -6.33 -3.42 -27.06
N GLY B 212 -6.23 -2.31 -26.33
CA GLY B 212 -6.83 -1.06 -26.74
C GLY B 212 -8.08 -0.69 -25.94
N GLY B 213 -8.56 0.53 -26.21
CA GLY B 213 -9.59 1.13 -25.35
C GLY B 213 -10.95 0.46 -25.50
N THR B 214 -11.33 0.06 -26.72
CA THR B 214 -12.57 -0.69 -26.90
C THR B 214 -12.58 -1.93 -26.01
N ILE B 215 -11.52 -2.73 -26.10
CA ILE B 215 -11.54 -4.01 -25.42
C ILE B 215 -11.46 -3.83 -23.91
N ARG B 216 -10.64 -2.88 -23.48
CA ARG B 216 -10.55 -2.60 -22.02
C ARG B 216 -11.90 -2.08 -21.54
N ALA B 217 -12.53 -1.21 -22.32
CA ALA B 217 -13.85 -0.73 -21.93
C ALA B 217 -14.83 -1.88 -21.82
N LEU B 218 -14.83 -2.78 -22.82
CA LEU B 218 -15.74 -3.92 -22.74
C LEU B 218 -15.39 -4.81 -21.55
N SER B 219 -14.11 -4.90 -21.21
CA SER B 219 -13.71 -5.72 -20.06
C SER B 219 -14.25 -5.13 -18.76
N LYS B 220 -14.25 -3.80 -18.64
CA LYS B 220 -14.78 -3.19 -17.43
C LYS B 220 -16.28 -3.47 -17.33
N VAL B 221 -16.98 -3.45 -18.48
CA VAL B 221 -18.41 -3.79 -18.50
C VAL B 221 -18.64 -5.21 -17.99
N LEU B 222 -17.86 -6.17 -18.49
CA LEU B 222 -18.05 -7.55 -18.07
C LEU B 222 -17.71 -7.76 -16.60
N MET B 223 -16.67 -7.06 -16.10
CA MET B 223 -16.32 -7.19 -14.70
C MET B 223 -17.45 -6.68 -13.83
N LYS B 224 -18.07 -5.59 -14.25
CA LYS B 224 -19.18 -5.04 -13.44
C LYS B 224 -20.41 -5.95 -13.53
N ARG B 225 -20.69 -6.49 -14.71
CA ARG B 225 -21.87 -7.34 -14.86
C ARG B 225 -21.81 -8.60 -14.00
N PHE B 226 -20.61 -9.16 -13.79
CA PHE B 226 -20.44 -10.41 -13.06
C PHE B 226 -19.85 -10.21 -11.67
N ASP B 227 -19.90 -8.99 -11.14
CA ASP B 227 -19.47 -8.70 -9.77
C ASP B 227 -18.08 -9.27 -9.49
N TYR B 228 -17.16 -9.00 -10.40
CA TYR B 228 -15.83 -9.56 -10.32
C TYR B 228 -15.05 -8.92 -9.18
N PRO B 229 -14.39 -9.72 -8.33
CA PRO B 229 -13.83 -9.17 -7.08
C PRO B 229 -12.47 -8.51 -7.20
N ILE B 230 -11.78 -8.61 -8.34
CA ILE B 230 -10.45 -8.02 -8.52
C ILE B 230 -10.58 -6.83 -9.47
N ASP B 231 -10.22 -5.65 -9.00
CA ASP B 231 -10.41 -4.43 -9.79
C ASP B 231 -9.15 -4.06 -10.58
N SER B 232 -8.71 -4.95 -11.48
CA SER B 232 -7.63 -4.58 -12.39
C SER B 232 -7.82 -5.35 -13.68
N LEU B 233 -7.74 -4.64 -14.81
CA LEU B 233 -8.07 -5.20 -16.12
CA LEU B 233 -8.11 -5.33 -16.03
C LEU B 233 -6.95 -6.07 -16.67
N HIS B 234 -5.71 -5.77 -16.32
CA HIS B 234 -4.62 -6.53 -16.92
C HIS B 234 -4.70 -7.99 -16.49
N GLY B 235 -4.91 -8.87 -17.45
CA GLY B 235 -5.02 -10.29 -17.20
C GLY B 235 -6.45 -10.80 -17.06
N TYR B 236 -7.43 -9.92 -17.01
CA TYR B 236 -8.81 -10.39 -16.89
C TYR B 236 -9.13 -11.34 -18.05
N GLU B 237 -9.69 -12.51 -17.71
CA GLU B 237 -9.94 -13.57 -18.69
C GLU B 237 -11.41 -13.55 -19.07
N ILE B 238 -11.67 -13.63 -20.38
CA ILE B 238 -13.02 -13.55 -20.91
C ILE B 238 -13.27 -14.81 -21.72
N ASP B 239 -14.31 -15.55 -21.36
CA ASP B 239 -14.80 -16.69 -22.13
C ASP B 239 -15.50 -16.17 -23.39
N ALA B 240 -14.87 -16.37 -24.55
CA ALA B 240 -15.31 -15.69 -25.76
C ALA B 240 -16.60 -16.29 -26.31
N HIS B 241 -16.76 -17.60 -26.19
CA HIS B 241 -18.01 -18.20 -26.62
C HIS B 241 -19.17 -17.73 -25.73
N LYS B 242 -18.94 -17.66 -24.41
CA LYS B 242 -20.03 -17.30 -23.52
C LYS B 242 -20.49 -15.86 -23.75
N ASN B 243 -19.55 -14.98 -24.09
CA ASN B 243 -19.79 -13.55 -24.08
C ASN B 243 -19.94 -12.94 -25.47
N LEU B 244 -19.80 -13.73 -26.54
CA LEU B 244 -19.92 -13.13 -27.86
C LEU B 244 -21.32 -12.59 -28.10
N ALA B 245 -22.34 -13.25 -27.55
CA ALA B 245 -23.69 -12.72 -27.74
C ALA B 245 -23.85 -11.35 -27.10
N PHE B 246 -23.29 -11.15 -25.90
CA PHE B 246 -23.41 -9.83 -25.27
C PHE B 246 -22.61 -8.78 -26.04
N ILE B 247 -21.39 -9.12 -26.48
CA ILE B 247 -20.60 -8.19 -27.28
C ILE B 247 -21.40 -7.73 -28.51
N GLU B 248 -22.04 -8.68 -29.20
CA GLU B 248 -22.85 -8.31 -30.34
C GLU B 248 -24.04 -7.47 -29.92
N LYS B 249 -24.60 -7.74 -28.73
CA LYS B 249 -25.71 -6.94 -28.24
C LYS B 249 -25.30 -5.47 -28.07
N ILE B 250 -24.09 -5.25 -27.55
CA ILE B 250 -23.61 -3.89 -27.31
C ILE B 250 -23.68 -3.01 -28.56
N VAL B 251 -23.43 -3.62 -29.73
CA VAL B 251 -23.39 -2.83 -30.96
C VAL B 251 -24.65 -2.02 -31.17
N MET B 252 -25.79 -2.51 -30.72
CA MET B 252 -27.05 -1.85 -31.01
C MET B 252 -27.70 -1.21 -29.79
N LEU B 253 -26.96 -1.02 -28.71
CA LEU B 253 -27.55 -0.33 -27.57
C LEU B 253 -27.49 1.17 -27.77
N LYS B 254 -28.39 1.88 -27.11
CA LYS B 254 -28.33 3.33 -27.24
C LYS B 254 -27.48 3.95 -26.13
N GLU B 255 -27.18 5.24 -26.28
CA GLU B 255 -26.18 5.87 -25.41
CA GLU B 255 -26.21 5.92 -25.41
C GLU B 255 -26.55 5.72 -23.93
N ASP B 256 -27.82 5.84 -23.58
CA ASP B 256 -28.17 5.76 -22.16
C ASP B 256 -28.01 4.35 -21.61
N GLN B 257 -28.25 3.32 -22.44
CA GLN B 257 -28.05 1.94 -21.96
C GLN B 257 -26.58 1.63 -21.77
N LEU B 258 -25.71 2.17 -22.64
CA LEU B 258 -24.29 2.00 -22.43
C LEU B 258 -23.86 2.68 -21.13
N ARG B 259 -24.41 3.87 -20.86
CA ARG B 259 -24.12 4.56 -19.62
C ARG B 259 -24.48 3.70 -18.41
N LEU B 260 -25.68 3.11 -18.43
CA LEU B 260 -26.09 2.26 -17.32
C LEU B 260 -25.14 1.08 -17.15
N LEU B 261 -24.50 0.62 -18.22
CA LEU B 261 -23.53 -0.46 -18.11
C LEU B 261 -22.20 0.00 -17.55
N GLY B 262 -22.03 1.30 -17.33
CA GLY B 262 -20.80 1.82 -16.76
C GLY B 262 -19.82 2.44 -17.75
N VAL B 263 -20.14 2.49 -19.05
CA VAL B 263 -19.18 3.05 -19.99
C VAL B 263 -19.04 4.54 -19.70
N ASN B 264 -17.81 5.01 -19.51
CA ASN B 264 -17.68 6.44 -19.21
C ASN B 264 -18.03 7.30 -20.44
N GLU B 265 -18.28 8.59 -20.16
CA GLU B 265 -18.81 9.50 -21.17
C GLU B 265 -17.96 9.52 -22.43
N GLU B 266 -16.63 9.61 -22.26
CA GLU B 266 -15.76 9.86 -23.40
C GLU B 266 -15.70 8.66 -24.35
N ARG B 267 -16.11 7.49 -23.88
CA ARG B 267 -16.03 6.24 -24.63
C ARG B 267 -17.36 5.85 -25.25
N LEU B 268 -18.46 6.55 -24.92
CA LEU B 268 -19.78 6.15 -25.40
C LEU B 268 -19.84 6.14 -26.92
N ASP B 269 -19.23 7.12 -27.58
CA ASP B 269 -19.47 7.31 -29.00
C ASP B 269 -18.59 6.44 -29.90
N SER B 270 -17.65 5.69 -29.35
CA SER B 270 -16.86 4.81 -30.18
C SER B 270 -17.02 3.35 -29.82
N ILE B 271 -17.65 3.03 -28.68
CA ILE B 271 -17.55 1.65 -28.20
C ILE B 271 -18.38 0.69 -29.07
N ARG B 272 -19.44 1.18 -29.74
CA ARG B 272 -20.31 0.26 -30.47
C ARG B 272 -19.66 -0.26 -31.76
N SER B 273 -19.11 0.64 -32.58
CA SER B 273 -18.32 0.18 -33.71
C SER B 273 -17.17 -0.70 -33.23
N GLY B 274 -16.50 -0.31 -32.16
CA GLY B 274 -15.43 -1.15 -31.63
C GLY B 274 -15.92 -2.55 -31.29
N ALA B 275 -17.09 -2.64 -30.66
CA ALA B 275 -17.67 -3.94 -30.32
C ALA B 275 -18.00 -4.74 -31.59
N LEU B 276 -18.48 -4.06 -32.63
CA LEU B 276 -18.74 -4.77 -33.89
C LEU B 276 -17.46 -5.38 -34.43
N ILE B 277 -16.38 -4.59 -34.48
CA ILE B 277 -15.12 -5.11 -35.01
C ILE B 277 -14.64 -6.29 -34.17
N LEU B 278 -14.68 -6.16 -32.85
CA LEU B 278 -14.18 -7.24 -32.01
C LEU B 278 -14.96 -8.53 -32.27
N SER B 279 -16.31 -8.41 -32.40
CA SER B 279 -17.13 -9.61 -32.60
C SER B 279 -16.77 -10.35 -33.89
N VAL B 280 -16.56 -9.59 -34.99
CA VAL B 280 -16.18 -10.22 -36.26
C VAL B 280 -14.81 -10.88 -36.14
N VAL B 281 -13.87 -10.23 -35.48
CA VAL B 281 -12.52 -10.80 -35.33
C VAL B 281 -12.57 -12.09 -34.53
N LEU B 282 -13.27 -12.08 -33.38
CA LEU B 282 -13.33 -13.28 -32.54
C LEU B 282 -13.96 -14.45 -33.27
N GLU B 283 -15.03 -14.18 -34.03
CA GLU B 283 -15.65 -15.26 -34.80
CA GLU B 283 -15.66 -15.23 -34.84
C GLU B 283 -14.64 -15.87 -35.77
N HIS B 284 -13.90 -15.03 -36.50
CA HIS B 284 -12.94 -15.53 -37.48
C HIS B 284 -11.78 -16.26 -36.83
N LEU B 285 -11.27 -15.76 -35.70
CA LEU B 285 -10.10 -16.40 -35.10
C LEU B 285 -10.46 -17.67 -34.34
N LYS B 286 -11.74 -17.95 -34.13
CA LYS B 286 -12.17 -19.11 -33.36
C LYS B 286 -11.69 -19.04 -31.92
N THR B 287 -11.49 -17.82 -31.44
CA THR B 287 -11.06 -17.59 -30.06
C THR B 287 -12.02 -18.25 -29.08
N SER B 288 -11.48 -18.97 -28.11
CA SER B 288 -12.26 -19.39 -26.95
C SER B 288 -11.93 -18.64 -25.66
N LEU B 289 -10.69 -18.19 -25.47
CA LEU B 289 -10.33 -17.38 -24.31
C LEU B 289 -9.68 -16.08 -24.78
N MET B 290 -10.24 -14.95 -24.37
CA MET B 290 -9.60 -13.64 -24.57
C MET B 290 -9.09 -13.12 -23.23
N ILE B 291 -7.81 -12.79 -23.20
CA ILE B 291 -7.17 -12.20 -22.03
C ILE B 291 -7.01 -10.71 -22.28
N THR B 292 -7.59 -9.90 -21.41
CA THR B 292 -7.50 -8.45 -21.52
C THR B 292 -6.08 -8.01 -21.17
N SER B 293 -5.48 -7.21 -22.05
CA SER B 293 -4.13 -6.67 -21.87
C SER B 293 -4.20 -5.25 -21.37
N GLY B 294 -3.47 -4.96 -20.28
CA GLY B 294 -3.29 -3.59 -19.85
C GLY B 294 -2.19 -2.85 -20.58
N VAL B 295 -1.53 -3.52 -21.52
CA VAL B 295 -0.41 -2.94 -22.24
C VAL B 295 -0.69 -3.03 -23.74
N GLY B 296 0.07 -2.26 -24.49
CA GLY B 296 -0.04 -2.25 -25.95
C GLY B 296 1.13 -1.51 -26.58
N VAL B 297 0.81 -0.67 -27.56
CA VAL B 297 1.84 -0.11 -28.41
C VAL B 297 2.88 0.66 -27.58
N ARG B 298 2.41 1.51 -26.66
CA ARG B 298 3.34 2.37 -25.94
C ARG B 298 4.30 1.53 -25.08
N GLU B 299 3.80 0.44 -24.48
CA GLU B 299 4.67 -0.48 -23.73
C GLU B 299 5.58 -1.28 -24.65
N GLY B 300 5.05 -1.75 -25.78
CA GLY B 300 5.89 -2.43 -26.76
C GLY B 300 7.01 -1.57 -27.31
N VAL B 301 6.75 -0.28 -27.54
CA VAL B 301 7.83 0.61 -27.99
C VAL B 301 8.94 0.64 -26.96
N PHE B 302 8.59 0.80 -25.68
CA PHE B 302 9.60 0.84 -24.62
C PHE B 302 10.38 -0.48 -24.54
N LEU B 303 9.68 -1.61 -24.69
CA LEU B 303 10.33 -2.92 -24.60
C LEU B 303 11.22 -3.20 -25.80
N SER B 304 10.86 -2.69 -26.99
CA SER B 304 11.72 -2.81 -28.16
C SER B 304 13.13 -2.33 -27.85
N ASP B 305 13.23 -1.32 -26.99
CA ASP B 305 14.48 -0.76 -26.52
C ASP B 305 15.07 -1.58 -25.37
N LEU B 306 14.32 -1.69 -24.26
CA LEU B 306 14.78 -2.46 -23.12
C LEU B 306 15.33 -3.81 -23.55
N LEU B 307 14.67 -4.48 -24.49
CA LEU B 307 15.03 -5.83 -24.92
C LEU B 307 15.64 -5.88 -26.32
N ARG B 308 16.19 -4.76 -26.81
CA ARG B 308 16.72 -4.77 -28.18
C ARG B 308 17.88 -5.75 -28.34
N ASN B 309 18.66 -5.95 -27.28
CA ASN B 309 19.80 -6.85 -27.32
C ASN B 309 19.46 -8.24 -26.79
N HIS B 310 18.17 -8.53 -26.56
CA HIS B 310 17.71 -9.80 -26.02
C HIS B 310 16.60 -10.39 -26.89
N TYR B 311 16.60 -10.05 -28.18
CA TYR B 311 15.62 -10.58 -29.12
C TYR B 311 14.18 -10.30 -28.69
N HIS B 312 13.95 -9.13 -28.04
CA HIS B 312 12.60 -8.66 -27.74
C HIS B 312 11.85 -9.65 -26.84
N LYS B 313 12.57 -10.28 -25.93
CA LYS B 313 11.98 -11.28 -25.05
C LYS B 313 12.75 -11.26 -23.73
N PHE B 314 12.03 -11.22 -22.61
CA PHE B 314 12.70 -11.34 -21.32
C PHE B 314 13.30 -12.73 -21.22
N PRO B 315 14.49 -12.88 -20.62
CA PRO B 315 15.07 -14.21 -20.47
C PRO B 315 14.21 -15.12 -19.61
N PRO B 316 14.40 -16.44 -19.71
CA PRO B 316 13.61 -17.37 -18.89
C PRO B 316 13.76 -17.07 -17.39
N ASN B 317 12.65 -17.19 -16.68
CA ASN B 317 12.62 -16.96 -15.23
C ASN B 317 12.93 -15.51 -14.87
N ILE B 318 12.84 -14.61 -15.83
CA ILE B 318 12.94 -13.18 -15.59
C ILE B 318 11.53 -12.61 -15.72
N ASN B 319 11.00 -12.09 -14.62
CA ASN B 319 9.68 -11.50 -14.61
C ASN B 319 9.80 -10.04 -14.21
N PRO B 320 9.41 -9.09 -15.06
CA PRO B 320 9.69 -7.67 -14.75
C PRO B 320 8.85 -7.11 -13.62
N SER B 321 7.62 -7.63 -13.40
CA SER B 321 6.82 -7.18 -12.26
C SER B 321 7.45 -7.58 -10.94
N LEU B 322 7.76 -8.87 -10.80
CA LEU B 322 8.43 -9.37 -9.62
C LEU B 322 9.71 -8.59 -9.35
N ILE B 323 10.53 -8.40 -10.40
CA ILE B 323 11.82 -7.73 -10.25
C ILE B 323 11.65 -6.28 -9.83
N SER B 324 10.74 -5.55 -10.48
CA SER B 324 10.58 -4.14 -10.16
C SER B 324 9.98 -3.97 -8.78
N LEU B 325 9.07 -4.86 -8.39
CA LEU B 325 8.54 -4.82 -7.04
C LEU B 325 9.67 -4.93 -6.02
N LYS B 326 10.66 -5.75 -6.31
CA LYS B 326 11.75 -5.90 -5.37
C LYS B 326 12.72 -4.73 -5.43
N ASP B 327 12.99 -4.21 -6.64
CA ASP B 327 13.81 -3.01 -6.75
C ASP B 327 13.17 -1.85 -5.96
N ARG B 328 11.85 -1.68 -6.07
CA ARG B 328 11.19 -0.54 -5.43
C ARG B 328 11.14 -0.71 -3.91
N PHE B 329 10.75 -1.90 -3.44
CA PHE B 329 10.34 -2.09 -2.05
C PHE B 329 11.17 -3.09 -1.26
N LEU B 330 12.15 -3.74 -1.88
CA LEU B 330 12.96 -4.76 -1.20
C LEU B 330 14.40 -4.77 -1.71
N PRO B 331 15.13 -3.64 -1.72
CA PRO B 331 16.47 -3.63 -2.32
C PRO B 331 17.54 -4.34 -1.48
N HIS B 332 17.24 -4.81 -0.27
CA HIS B 332 18.14 -5.67 0.49
CA HIS B 332 18.14 -5.68 0.50
C HIS B 332 17.50 -7.06 0.55
N GLU B 333 17.69 -7.80 -0.53
CA GLU B 333 16.90 -8.99 -0.82
C GLU B 333 17.71 -10.28 -0.61
N LYS B 334 18.18 -10.50 0.60
CA LYS B 334 18.65 -11.84 0.95
C LYS B 334 17.78 -12.53 1.97
N HIS B 335 17.24 -11.80 2.95
CA HIS B 335 16.29 -12.38 3.88
C HIS B 335 15.25 -13.22 3.15
N SER B 336 14.60 -12.60 2.14
CA SER B 336 13.48 -13.25 1.44
C SER B 336 13.92 -14.47 0.65
N GLN B 337 15.21 -14.55 0.32
CA GLN B 337 15.75 -15.73 -0.40
C GLN B 337 15.74 -16.90 0.59
N LYS B 338 16.12 -16.64 1.84
CA LYS B 338 16.13 -17.68 2.88
C LYS B 338 14.73 -18.19 3.15
N VAL B 339 13.75 -17.29 3.29
CA VAL B 339 12.38 -17.72 3.53
C VAL B 339 11.89 -18.60 2.38
N LYS B 340 12.16 -18.18 1.14
CA LYS B 340 11.79 -19.01 -0.01
C LYS B 340 12.42 -20.40 0.09
N LYS B 341 13.73 -20.46 0.35
CA LYS B 341 14.42 -21.74 0.45
C LYS B 341 13.75 -22.63 1.48
N GLU B 342 13.51 -22.09 2.69
CA GLU B 342 12.89 -22.87 3.75
C GLU B 342 11.48 -23.28 3.40
N CYS B 343 10.75 -22.46 2.63
CA CYS B 343 9.41 -22.85 2.24
C CYS B 343 9.45 -24.08 1.34
N VAL B 344 10.47 -24.18 0.49
CA VAL B 344 10.63 -25.34 -0.37
C VAL B 344 10.87 -26.59 0.46
N LYS B 345 11.90 -26.54 1.31
CA LYS B 345 12.23 -27.68 2.17
C LYS B 345 11.02 -28.09 3.01
N LEU B 346 10.33 -27.13 3.63
CA LEU B 346 9.15 -27.46 4.42
C LEU B 346 8.09 -28.14 3.56
N PHE B 347 7.85 -27.62 2.35
CA PHE B 347 6.83 -28.19 1.48
C PHE B 347 7.15 -29.64 1.10
N GLU B 348 8.41 -29.91 0.77
CA GLU B 348 8.82 -31.28 0.48
C GLU B 348 8.65 -32.16 1.73
N ALA B 349 9.18 -31.72 2.87
CA ALA B 349 9.09 -32.52 4.10
C ALA B 349 7.66 -32.84 4.49
N LEU B 350 6.71 -31.96 4.17
CA LEU B 350 5.33 -32.19 4.56
C LEU B 350 4.49 -32.87 3.47
N SER B 351 5.07 -33.12 2.30
CA SER B 351 4.28 -33.57 1.17
C SER B 351 3.55 -34.89 1.45
N PRO B 352 4.12 -35.85 2.19
CA PRO B 352 3.32 -37.02 2.58
C PRO B 352 1.99 -36.66 3.22
N LEU B 353 1.92 -35.55 3.96
CA LEU B 353 0.65 -35.19 4.61
C LEU B 353 -0.25 -34.35 3.70
N HIS B 354 0.30 -33.32 3.05
CA HIS B 354 -0.61 -32.45 2.32
C HIS B 354 -0.90 -32.93 0.91
N LYS B 355 0.08 -33.56 0.25
CA LYS B 355 -0.12 -34.10 -1.10
C LYS B 355 -0.68 -33.04 -2.06
N ILE B 356 -0.14 -31.83 -1.97
CA ILE B 356 -0.59 -30.74 -2.81
C ILE B 356 0.19 -30.77 -4.12
N ASP B 357 -0.48 -30.45 -5.22
CA ASP B 357 0.17 -30.39 -6.51
C ASP B 357 1.39 -29.46 -6.46
N GLU B 358 2.53 -29.96 -6.94
CA GLU B 358 3.73 -29.13 -6.86
C GLU B 358 3.65 -27.89 -7.75
N LYS B 359 2.64 -27.77 -8.60
CA LYS B 359 2.49 -26.52 -9.34
C LYS B 359 2.34 -25.33 -8.39
N TYR B 360 1.84 -25.56 -7.17
CA TYR B 360 1.61 -24.50 -6.21
C TYR B 360 2.87 -24.11 -5.45
N LEU B 361 3.96 -24.86 -5.62
CA LEU B 361 5.26 -24.39 -5.13
C LEU B 361 5.62 -23.07 -5.79
N PHE B 362 5.20 -22.86 -7.04
CA PHE B 362 5.39 -21.59 -7.74
C PHE B 362 4.90 -20.42 -6.89
N HIS B 363 3.65 -20.49 -6.43
CA HIS B 363 3.06 -19.39 -5.67
C HIS B 363 3.69 -19.28 -4.30
N LEU B 364 3.91 -20.42 -3.66
CA LEU B 364 4.55 -20.43 -2.35
C LEU B 364 5.90 -19.74 -2.41
N LYS B 365 6.71 -20.09 -3.41
CA LYS B 365 8.03 -19.48 -3.54
C LYS B 365 7.93 -17.97 -3.64
N ILE B 366 6.98 -17.46 -4.44
CA ILE B 366 6.90 -16.02 -4.64
C ILE B 366 6.36 -15.34 -3.38
N ALA B 367 5.36 -15.94 -2.73
CA ALA B 367 4.92 -15.41 -1.44
C ALA B 367 6.05 -15.41 -0.43
N GLY B 368 6.88 -16.45 -0.47
CA GLY B 368 8.09 -16.45 0.34
C GLY B 368 8.98 -15.25 0.06
N GLU B 369 9.12 -14.88 -1.22
CA GLU B 369 9.96 -13.72 -1.54
C GLU B 369 9.32 -12.42 -1.09
N LEU B 370 8.00 -12.31 -1.18
CA LEU B 370 7.35 -11.01 -1.07
C LEU B 370 6.60 -10.78 0.24
N ALA B 371 6.54 -11.76 1.15
CA ALA B 371 5.58 -11.67 2.26
C ALA B 371 5.90 -10.55 3.24
N SER B 372 7.16 -10.11 3.32
CA SER B 372 7.52 -9.02 4.21
C SER B 372 7.68 -7.69 3.47
N MET B 373 7.26 -7.65 2.20
CA MET B 373 7.43 -6.45 1.39
C MET B 373 6.73 -5.24 2.01
N GLY B 374 5.55 -5.46 2.59
CA GLY B 374 4.76 -4.37 3.13
C GLY B 374 5.35 -3.69 4.35
N LYS B 375 6.43 -4.23 4.90
CA LYS B 375 7.01 -3.56 6.06
C LYS B 375 7.58 -2.20 5.67
N ILE B 376 7.88 -1.98 4.38
CA ILE B 376 8.32 -0.65 3.97
C ILE B 376 7.25 0.39 4.23
N LEU B 377 5.99 -0.02 4.28
CA LEU B 377 4.91 0.89 4.65
C LEU B 377 4.77 0.97 6.17
N SER B 378 4.58 -0.18 6.83
CA SER B 378 4.52 -0.24 8.30
C SER B 378 4.90 -1.63 8.76
N VAL B 379 5.61 -1.70 9.90
CA VAL B 379 5.89 -3.01 10.49
C VAL B 379 4.68 -3.54 11.24
N TYR B 380 3.68 -2.71 11.49
CA TYR B 380 2.46 -3.17 12.13
C TYR B 380 1.47 -3.54 11.03
N LEU B 381 0.92 -4.76 11.12
CA LEU B 381 0.09 -5.32 10.04
C LEU B 381 0.86 -5.46 8.72
N ALA B 382 2.14 -5.84 8.81
CA ALA B 382 3.00 -5.85 7.61
C ALA B 382 2.46 -6.80 6.53
N HIS B 383 1.99 -7.98 6.94
CA HIS B 383 1.47 -8.95 5.96
C HIS B 383 0.24 -8.43 5.25
N LYS B 384 -0.61 -7.69 5.96
CA LYS B 384 -1.76 -7.09 5.30
C LYS B 384 -1.30 -6.08 4.24
N HIS B 385 -0.25 -5.33 4.54
CA HIS B 385 0.32 -4.43 3.52
C HIS B 385 0.93 -5.21 2.36
N SER B 386 1.69 -6.27 2.67
CA SER B 386 2.25 -7.09 1.59
C SER B 386 1.15 -7.61 0.66
N ALA B 387 0.10 -8.19 1.24
CA ALA B 387 -1.04 -8.65 0.44
C ALA B 387 -1.60 -7.55 -0.46
N TYR B 388 -1.83 -6.36 0.11
CA TYR B 388 -2.30 -5.22 -0.67
C TYR B 388 -1.35 -4.92 -1.82
N PHE B 389 -0.05 -4.85 -1.51
CA PHE B 389 0.94 -4.63 -2.56
C PHE B 389 0.82 -5.68 -3.65
N ILE B 390 0.75 -6.95 -3.25
CA ILE B 390 0.75 -8.08 -4.20
C ILE B 390 -0.48 -8.02 -5.08
N LEU B 391 -1.65 -7.78 -4.48
CA LEU B 391 -2.89 -7.80 -5.25
C LEU B 391 -2.94 -6.67 -6.28
N ASN B 392 -2.31 -5.52 -5.99
CA ASN B 392 -2.43 -4.35 -6.84
C ASN B 392 -1.23 -4.12 -7.76
N ALA B 393 -0.09 -4.80 -7.57
CA ALA B 393 1.07 -4.49 -8.40
C ALA B 393 1.80 -5.70 -8.97
N LEU B 394 1.47 -6.92 -8.57
CA LEU B 394 2.10 -8.11 -9.14
C LEU B 394 1.30 -8.48 -10.40
N SER B 395 1.58 -7.76 -11.50
CA SER B 395 0.67 -7.80 -12.63
C SER B 395 1.25 -8.45 -13.88
N TYR B 396 2.43 -8.06 -14.35
CA TYR B 396 2.95 -8.62 -15.59
C TYR B 396 3.30 -10.10 -15.44
N GLY B 397 2.71 -10.94 -16.28
CA GLY B 397 3.07 -12.34 -16.27
C GLY B 397 2.33 -13.21 -15.29
N PHE B 398 1.36 -12.67 -14.58
CA PHE B 398 0.61 -13.42 -13.58
C PHE B 398 -0.87 -13.44 -13.96
N SER B 399 -1.50 -14.61 -13.87
CA SER B 399 -2.96 -14.62 -13.97
C SER B 399 -3.56 -13.98 -12.74
N HIS B 400 -4.84 -13.62 -12.82
CA HIS B 400 -5.51 -13.14 -11.63
C HIS B 400 -5.52 -14.23 -10.56
N GLN B 401 -5.69 -15.49 -10.96
CA GLN B 401 -5.59 -16.60 -10.00
C GLN B 401 -4.22 -16.62 -9.34
N ASP B 402 -3.16 -16.54 -10.13
CA ASP B 402 -1.82 -16.51 -9.57
C ASP B 402 -1.70 -15.41 -8.51
N ARG B 403 -2.21 -14.22 -8.84
CA ARG B 403 -2.12 -13.08 -7.94
C ARG B 403 -2.93 -13.30 -6.66
N ALA B 404 -4.15 -13.83 -6.81
CA ALA B 404 -5.02 -14.04 -5.66
C ALA B 404 -4.43 -15.06 -4.69
N ILE B 405 -3.86 -16.15 -5.23
CA ILE B 405 -3.23 -17.16 -4.37
C ILE B 405 -2.08 -16.55 -3.57
N ILE B 406 -1.12 -15.94 -4.28
CA ILE B 406 0.04 -15.37 -3.62
C ILE B 406 -0.40 -14.34 -2.58
N CYS B 407 -1.34 -13.49 -2.97
CA CYS B 407 -1.88 -12.49 -2.07
C CYS B 407 -2.40 -13.14 -0.77
N LEU B 408 -3.22 -14.19 -0.92
CA LEU B 408 -3.85 -14.83 0.25
C LEU B 408 -2.81 -15.48 1.17
N LEU B 409 -1.79 -16.10 0.59
CA LEU B 409 -0.74 -16.72 1.40
C LEU B 409 -0.09 -15.70 2.33
N ALA B 410 0.30 -14.54 1.78
CA ALA B 410 0.88 -13.47 2.58
C ALA B 410 -0.13 -12.85 3.55
N GLN B 411 -1.33 -12.58 3.05
CA GLN B 411 -2.33 -11.89 3.88
C GLN B 411 -2.61 -12.66 5.16
N PHE B 412 -2.67 -14.00 5.08
CA PHE B 412 -3.12 -14.82 6.19
C PHE B 412 -1.99 -15.63 6.80
N SER B 413 -0.77 -15.17 6.66
CA SER B 413 0.32 -15.77 7.41
C SER B 413 0.00 -15.66 8.89
N HIS B 414 0.09 -16.79 9.60
CA HIS B 414 -0.24 -16.87 11.02
C HIS B 414 -1.72 -16.66 11.30
N LYS B 415 -2.61 -16.93 10.34
CA LYS B 415 -4.02 -16.74 10.61
C LYS B 415 -4.84 -17.82 9.91
N LYS B 416 -6.12 -17.88 10.25
CA LYS B 416 -7.06 -18.76 9.57
C LYS B 416 -7.66 -18.01 8.39
N ILE B 417 -7.64 -18.65 7.22
CA ILE B 417 -8.25 -18.07 6.03
C ILE B 417 -9.77 -18.20 6.17
N PRO B 418 -10.52 -17.10 6.08
CA PRO B 418 -11.99 -17.22 6.23
C PRO B 418 -12.63 -18.08 5.16
N LYS B 419 -13.75 -18.69 5.54
CA LYS B 419 -14.58 -19.49 4.62
C LYS B 419 -15.17 -18.59 3.54
N ASP B 420 -15.37 -17.31 3.85
CA ASP B 420 -16.16 -16.36 3.07
C ASP B 420 -15.30 -15.42 2.22
N ASN B 421 -14.06 -15.81 1.94
CA ASN B 421 -13.14 -14.86 1.31
C ASN B 421 -13.46 -14.65 -0.17
N ALA B 422 -13.64 -13.40 -0.55
CA ALA B 422 -14.01 -13.09 -1.94
C ALA B 422 -12.90 -13.49 -2.90
N ILE B 423 -11.66 -13.13 -2.58
CA ILE B 423 -10.51 -13.48 -3.41
C ILE B 423 -10.37 -14.99 -3.52
N ALA B 424 -10.52 -15.73 -2.41
CA ALA B 424 -10.29 -17.17 -2.44
C ALA B 424 -11.28 -17.88 -3.36
N HIS B 425 -12.50 -17.37 -3.49
CA HIS B 425 -13.53 -17.98 -4.32
C HIS B 425 -13.66 -17.23 -5.63
N MET B 426 -12.68 -16.40 -5.95
CA MET B 426 -12.57 -15.67 -7.21
C MET B 426 -12.90 -16.53 -8.42
N SER B 427 -12.66 -17.83 -8.30
CA SER B 427 -12.91 -18.74 -9.43
C SER B 427 -13.07 -20.15 -8.88
N ALA B 428 -13.85 -20.97 -9.59
CA ALA B 428 -14.02 -22.35 -9.17
C ALA B 428 -12.75 -23.16 -9.40
N MET B 429 -11.81 -22.66 -10.20
CA MET B 429 -10.51 -23.32 -10.41
C MET B 429 -9.48 -22.92 -9.34
N MET B 430 -9.84 -22.04 -8.41
CA MET B 430 -8.94 -21.72 -7.32
C MET B 430 -8.64 -22.96 -6.48
N PRO B 431 -7.48 -23.00 -5.83
CA PRO B 431 -7.20 -24.09 -4.88
C PRO B 431 -8.14 -24.02 -3.69
N SER B 432 -8.29 -25.18 -3.06
CA SER B 432 -9.18 -25.31 -1.90
C SER B 432 -8.70 -24.46 -0.73
N LEU B 433 -9.62 -24.23 0.21
CA LEU B 433 -9.24 -23.60 1.47
C LEU B 433 -8.09 -24.33 2.13
N LEU B 434 -8.20 -25.66 2.18
CA LEU B 434 -7.23 -26.45 2.92
C LEU B 434 -5.87 -26.31 2.28
N THR B 435 -5.80 -26.41 0.95
CA THR B 435 -4.54 -26.18 0.27
C THR B 435 -4.00 -24.79 0.56
N LEU B 436 -4.87 -23.77 0.54
CA LEU B 436 -4.42 -22.42 0.85
C LEU B 436 -3.92 -22.34 2.29
N GLN B 437 -4.64 -22.99 3.22
CA GLN B 437 -4.23 -22.96 4.63
C GLN B 437 -2.90 -23.68 4.82
N TRP B 438 -2.69 -24.79 4.11
CA TRP B 438 -1.42 -25.50 4.15
C TRP B 438 -0.26 -24.59 3.73
N LEU B 439 -0.39 -23.96 2.56
CA LEU B 439 0.70 -23.13 2.03
C LEU B 439 0.94 -21.90 2.91
N SER B 440 -0.13 -21.30 3.43
CA SER B 440 0.02 -20.20 4.37
C SER B 440 0.72 -20.67 5.65
N PHE B 441 0.32 -21.81 6.18
CA PHE B 441 0.97 -22.30 7.39
C PHE B 441 2.45 -22.55 7.13
N ILE B 442 2.78 -23.15 5.98
CA ILE B 442 4.19 -23.37 5.64
C ILE B 442 4.95 -22.05 5.57
N LEU B 443 4.38 -21.04 4.88
CA LEU B 443 5.03 -19.73 4.81
C LEU B 443 5.28 -19.17 6.20
N SER B 444 4.28 -19.26 7.08
CA SER B 444 4.39 -18.76 8.44
C SER B 444 5.55 -19.42 9.18
N LEU B 445 5.66 -20.74 9.09
CA LEU B 445 6.71 -21.44 9.83
C LEU B 445 8.09 -21.08 9.29
N ALA B 446 8.23 -21.09 7.96
CA ALA B 446 9.45 -20.64 7.32
C ALA B 446 9.85 -19.24 7.79
N GLU B 447 8.87 -18.31 7.86
CA GLU B 447 9.17 -16.95 8.31
C GLU B 447 9.71 -16.94 9.74
N ASN B 448 9.05 -17.69 10.63
CA ASN B 448 9.51 -17.79 12.01
C ASN B 448 10.93 -18.34 12.08
N LEU B 449 11.20 -19.39 11.31
CA LEU B 449 12.49 -20.04 11.38
C LEU B 449 13.60 -19.15 10.83
N CYS B 450 13.28 -18.22 9.92
CA CYS B 450 14.30 -17.37 9.34
C CYS B 450 14.41 -16.02 10.01
N LEU B 451 13.69 -15.84 11.13
CA LEU B 451 13.78 -14.58 11.87
C LEU B 451 15.23 -14.22 12.19
N THR B 452 15.99 -15.16 12.74
CA THR B 452 17.41 -15.00 12.99
C THR B 452 18.23 -15.60 11.86
N ASP B 453 19.54 -15.47 12.05
CA ASP B 453 20.58 -15.96 11.11
C ASP B 453 20.86 -17.43 11.40
N SER B 454 19.85 -18.19 11.82
CA SER B 454 19.95 -19.64 11.92
C SER B 454 20.33 -20.27 10.58
N HIS B 455 21.19 -21.28 10.64
CA HIS B 455 21.69 -21.94 9.45
C HIS B 455 21.38 -23.44 9.50
N HIS B 456 21.44 -24.04 8.32
CA HIS B 456 21.37 -25.49 8.14
C HIS B 456 20.23 -26.12 8.94
N LEU B 457 19.01 -25.78 8.54
CA LEU B 457 17.82 -26.39 9.10
C LEU B 457 17.47 -27.63 8.29
N LYS B 458 16.92 -28.64 8.96
CA LYS B 458 16.46 -29.87 8.32
C LYS B 458 15.16 -30.31 8.94
N TYR B 459 14.26 -30.85 8.11
CA TYR B 459 12.93 -31.25 8.55
C TYR B 459 12.71 -32.71 8.20
N THR B 460 12.27 -33.47 9.19
CA THR B 460 11.86 -34.84 8.96
C THR B 460 10.40 -34.98 9.38
N LEU B 461 9.72 -35.92 8.73
CA LEU B 461 8.31 -36.15 9.08
C LEU B 461 8.12 -37.62 9.47
N GLU B 462 7.56 -37.85 10.66
CA GLU B 462 7.21 -39.21 11.14
C GLU B 462 5.74 -39.14 11.54
N LYS B 463 4.86 -39.86 10.86
CA LYS B 463 3.40 -39.80 11.14
C LYS B 463 2.94 -38.34 11.01
N ASN B 464 2.27 -37.80 12.04
CA ASN B 464 1.86 -36.37 11.99
C ASN B 464 2.84 -35.54 12.83
N LYS B 465 4.10 -35.93 12.87
CA LYS B 465 5.07 -35.18 13.70
C LYS B 465 6.16 -34.55 12.84
N LEU B 466 6.16 -33.22 12.74
CA LEU B 466 7.22 -32.49 12.04
C LEU B 466 8.36 -32.20 13.01
N VAL B 467 9.56 -32.57 12.64
CA VAL B 467 10.72 -32.36 13.50
C VAL B 467 11.65 -31.37 12.82
N ILE B 468 11.98 -30.29 13.52
CA ILE B 468 12.88 -29.27 13.02
C ILE B 468 14.26 -29.52 13.61
N HIS B 469 15.23 -29.82 12.75
CA HIS B 469 16.58 -30.18 13.17
C HIS B 469 17.49 -28.97 13.01
N SER B 470 18.05 -28.51 14.13
CA SER B 470 18.96 -27.37 14.09
C SER B 470 19.86 -27.41 15.31
N ASN B 471 21.09 -26.95 15.12
CA ASN B 471 22.00 -26.76 16.25
C ASN B 471 21.87 -25.39 16.89
N ASP B 472 21.00 -24.53 16.36
CA ASP B 472 20.73 -23.21 16.91
C ASP B 472 19.64 -23.32 17.96
N ALA B 473 19.65 -22.37 18.91
CA ALA B 473 18.65 -22.38 19.96
C ALA B 473 17.23 -22.16 19.42
N LEU B 474 17.08 -21.34 18.38
CA LEU B 474 15.75 -21.00 17.85
C LEU B 474 14.79 -20.58 18.96
N TYR B 475 15.32 -19.80 19.90
CA TYR B 475 14.55 -19.40 21.07
C TYR B 475 13.29 -18.63 20.66
N LEU B 476 13.44 -17.64 19.78
CA LEU B 476 12.26 -16.85 19.40
C LEU B 476 11.29 -17.67 18.56
N ALA B 477 11.79 -18.51 17.66
CA ALA B 477 10.89 -19.35 16.85
C ALA B 477 10.14 -20.34 17.73
N LYS B 478 10.80 -20.87 18.77
CA LYS B 478 10.09 -21.73 19.71
C LYS B 478 9.04 -20.96 20.48
N GLU B 479 9.35 -19.71 20.85
CA GLU B 479 8.42 -18.86 21.58
C GLU B 479 7.18 -18.56 20.75
N MET B 480 7.33 -18.42 19.44
CA MET B 480 6.23 -18.04 18.56
C MET B 480 5.41 -19.23 18.07
N LEU B 481 5.86 -20.46 18.32
CA LEU B 481 5.21 -21.64 17.75
C LEU B 481 3.72 -21.71 18.00
N PRO B 482 3.21 -21.43 19.21
CA PRO B 482 1.76 -21.54 19.45
C PRO B 482 0.90 -20.55 18.67
N LYS B 483 1.48 -19.50 18.08
CA LYS B 483 0.68 -18.53 17.35
C LYS B 483 0.45 -18.94 15.89
N LEU B 484 1.09 -20.02 15.45
CA LEU B 484 0.81 -20.61 14.16
C LEU B 484 -0.60 -21.19 14.13
N VAL B 485 -1.22 -21.11 12.96
CA VAL B 485 -2.52 -21.74 12.73
C VAL B 485 -2.27 -22.96 11.86
N LYS B 486 -2.42 -24.15 12.45
CA LYS B 486 -2.06 -25.35 11.71
C LYS B 486 -3.19 -25.74 10.75
N PRO B 487 -2.85 -26.39 9.62
CA PRO B 487 -3.88 -26.74 8.63
C PRO B 487 -4.68 -27.97 9.04
N ILE B 488 -4.03 -28.87 9.76
CA ILE B 488 -4.63 -30.06 10.35
C ILE B 488 -3.98 -30.29 11.72
N PRO B 489 -4.55 -31.16 12.57
CA PRO B 489 -3.84 -31.49 13.81
C PRO B 489 -2.47 -32.07 13.47
N LEU B 490 -1.43 -31.43 13.98
CA LEU B 490 -0.08 -31.91 13.69
C LEU B 490 0.85 -31.40 14.78
N THR B 491 1.76 -32.26 15.22
CA THR B 491 2.71 -31.85 16.23
C THR B 491 4.01 -31.40 15.57
N ILE B 492 4.54 -30.27 16.07
CA ILE B 492 5.80 -29.72 15.65
C ILE B 492 6.73 -29.84 16.85
N GLU B 493 7.91 -30.44 16.65
N GLU B 493 7.91 -30.41 16.65
CA GLU B 493 8.89 -30.55 17.71
CA GLU B 493 8.86 -30.48 17.75
C GLU B 493 10.25 -30.09 17.21
C GLU B 493 10.25 -30.11 17.24
N PHE B 494 11.00 -29.45 18.12
CA PHE B 494 12.38 -29.09 17.87
C PHE B 494 13.27 -30.15 18.49
N ALA B 495 14.17 -30.70 17.69
CA ALA B 495 15.11 -31.69 18.20
C ALA B 495 16.33 -31.00 18.84
#